data_2EBQ
#
_entry.id   2EBQ
#
loop_
_entity.id
_entity.type
_entity.pdbx_description
1 polymer 'Nuclear pore complex protein Nup153'
2 non-polymer 'ZINC ION'
#
_entity_poly.entity_id   1
_entity_poly.type   'polypeptide(L)'
_entity_poly.pdbx_seq_one_letter_code
;GSSGSSGVIGTWDCDTCLVQNKPEAIKCVACETPKPGTCVKRALTLT
;
_entity_poly.pdbx_strand_id   A
#
loop_
_chem_comp.id
_chem_comp.type
_chem_comp.name
_chem_comp.formula
ZN non-polymer 'ZINC ION' 'Zn 2'
#
# COMPACT_ATOMS: atom_id res chain seq x y z
N GLY A 1 -7.89 -6.39 13.51
CA GLY A 1 -8.49 -7.55 14.13
C GLY A 1 -9.99 -7.60 13.93
N SER A 2 -10.72 -6.91 14.81
CA SER A 2 -12.17 -6.89 14.74
C SER A 2 -12.67 -5.50 14.32
N SER A 3 -13.91 -5.44 13.84
CA SER A 3 -14.50 -4.18 13.42
C SER A 3 -13.78 -3.63 12.18
N GLY A 4 -13.52 -4.51 11.22
CA GLY A 4 -12.83 -4.10 10.01
C GLY A 4 -11.33 -4.29 10.10
N SER A 5 -10.80 -5.25 9.34
CA SER A 5 -9.38 -5.53 9.33
C SER A 5 -8.70 -4.91 8.12
N SER A 6 -7.41 -4.59 8.26
CA SER A 6 -6.65 -3.99 7.17
C SER A 6 -6.07 -5.07 6.26
N GLY A 7 -6.23 -4.88 4.95
CA GLY A 7 -5.72 -5.84 3.99
C GLY A 7 -4.39 -6.43 4.42
N VAL A 8 -4.40 -7.71 4.78
CA VAL A 8 -3.19 -8.39 5.21
C VAL A 8 -2.39 -8.89 4.02
N ILE A 9 -2.67 -8.33 2.84
CA ILE A 9 -1.97 -8.71 1.62
C ILE A 9 -0.78 -7.80 1.38
N GLY A 10 -0.02 -8.10 0.32
CA GLY A 10 1.14 -7.29 -0.02
C GLY A 10 0.76 -6.02 -0.75
N THR A 11 0.43 -6.14 -2.03
CA THR A 11 0.05 -4.99 -2.83
C THR A 11 -1.13 -4.25 -2.21
N TRP A 12 -1.17 -2.93 -2.41
CA TRP A 12 -2.24 -2.10 -1.88
C TRP A 12 -3.06 -1.47 -3.00
N ASP A 13 -4.37 -1.46 -2.83
CA ASP A 13 -5.26 -0.88 -3.84
C ASP A 13 -5.42 0.62 -3.61
N CYS A 14 -5.02 1.41 -4.61
CA CYS A 14 -5.11 2.85 -4.53
C CYS A 14 -6.56 3.29 -4.31
N ASP A 15 -6.75 4.58 -4.06
CA ASP A 15 -8.09 5.13 -3.83
C ASP A 15 -8.46 6.12 -4.93
N THR A 16 -7.47 6.91 -5.37
CA THR A 16 -7.70 7.90 -6.41
C THR A 16 -7.83 7.25 -7.78
N CYS A 17 -6.74 6.64 -8.24
CA CYS A 17 -6.73 5.97 -9.54
C CYS A 17 -7.17 4.51 -9.41
N LEU A 18 -7.05 3.98 -8.20
CA LEU A 18 -7.43 2.59 -7.94
C LEU A 18 -6.55 1.63 -8.71
N VAL A 19 -5.24 1.88 -8.71
CA VAL A 19 -4.29 1.03 -9.41
C VAL A 19 -3.56 0.11 -8.44
N GLN A 20 -3.07 -1.02 -8.96
CA GLN A 20 -2.35 -1.98 -8.14
C GLN A 20 -0.87 -1.63 -8.04
N ASN A 21 -0.42 -1.28 -6.84
CA ASN A 21 0.97 -0.92 -6.63
C ASN A 21 1.63 -1.88 -5.64
N LYS A 22 2.95 -2.05 -5.77
CA LYS A 22 3.70 -2.93 -4.89
C LYS A 22 3.78 -2.35 -3.48
N PRO A 23 3.92 -3.24 -2.49
CA PRO A 23 4.02 -2.84 -1.08
C PRO A 23 5.34 -2.14 -0.77
N GLU A 24 6.22 -2.10 -1.75
CA GLU A 24 7.53 -1.46 -1.59
C GLU A 24 7.45 0.02 -1.93
N ALA A 25 6.69 0.34 -2.97
CA ALA A 25 6.54 1.73 -3.41
C ALA A 25 5.81 2.55 -2.36
N ILE A 26 6.49 3.57 -1.84
CA ILE A 26 5.90 4.44 -0.83
C ILE A 26 4.71 5.21 -1.39
N LYS A 27 4.77 5.52 -2.67
CA LYS A 27 3.69 6.26 -3.33
C LYS A 27 3.21 5.51 -4.57
N CYS A 28 2.13 6.01 -5.18
CA CYS A 28 1.57 5.39 -6.37
C CYS A 28 2.43 5.69 -7.60
N VAL A 29 2.11 5.04 -8.71
CA VAL A 29 2.86 5.24 -9.95
C VAL A 29 2.01 5.95 -10.99
N ALA A 30 0.71 5.65 -11.00
CA ALA A 30 -0.21 6.27 -11.95
C ALA A 30 -0.55 7.70 -11.52
N CYS A 31 -1.20 7.82 -10.36
CA CYS A 31 -1.58 9.13 -9.84
C CYS A 31 -0.46 9.74 -9.02
N GLU A 32 0.47 8.90 -8.57
CA GLU A 32 1.60 9.37 -7.78
C GLU A 32 1.12 9.96 -6.45
N THR A 33 0.14 9.30 -5.84
CA THR A 33 -0.40 9.75 -4.57
C THR A 33 0.29 9.07 -3.40
N PRO A 34 0.54 9.84 -2.32
CA PRO A 34 1.20 9.32 -1.11
C PRO A 34 0.31 8.35 -0.35
N LYS A 35 0.83 7.17 -0.08
CA LYS A 35 0.09 6.14 0.66
C LYS A 35 -0.40 6.69 2.00
N PRO A 36 -1.63 6.32 2.36
CA PRO A 36 -2.25 6.77 3.62
C PRO A 36 -1.59 6.12 4.84
N GLY A 37 -2.06 6.51 6.02
CA GLY A 37 -1.50 5.96 7.25
C GLY A 37 -0.13 6.52 7.57
N THR A 38 -0.10 7.63 8.30
CA THR A 38 1.15 8.27 8.68
C THR A 38 2.00 7.35 9.55
N CYS A 39 1.36 6.70 10.51
CA CYS A 39 2.06 5.79 11.41
C CYS A 39 2.15 4.39 10.82
N VAL A 40 3.22 3.69 11.14
CA VAL A 40 3.43 2.33 10.64
C VAL A 40 2.95 1.29 11.64
N LYS A 41 2.00 0.46 11.23
CA LYS A 41 1.45 -0.58 12.09
C LYS A 41 2.58 -1.43 12.69
N ARG A 42 3.54 -1.79 11.86
CA ARG A 42 4.67 -2.61 12.30
C ARG A 42 5.04 -2.27 13.74
N ALA A 43 4.93 -0.99 14.08
CA ALA A 43 5.26 -0.54 15.43
C ALA A 43 4.83 -1.56 16.48
N LEU A 44 3.57 -1.97 16.42
CA LEU A 44 3.04 -2.95 17.36
C LEU A 44 3.79 -4.27 17.27
N THR A 45 3.52 -5.17 18.20
CA THR A 45 4.18 -6.47 18.23
C THR A 45 3.42 -7.48 17.37
N LEU A 46 4.14 -8.18 16.50
CA LEU A 46 3.53 -9.18 15.63
C LEU A 46 2.90 -10.30 16.44
N THR A 47 2.06 -11.11 15.80
CA THR A 47 1.40 -12.22 16.46
C THR A 47 2.40 -13.27 16.91
ZN ZN B . -2.99 5.81 -7.54
N GLY A 1 -10.34 -14.30 -20.34
CA GLY A 1 -10.47 -15.66 -19.85
C GLY A 1 -11.01 -15.73 -18.43
N SER A 2 -10.36 -16.51 -17.58
CA SER A 2 -10.78 -16.66 -16.20
C SER A 2 -9.91 -15.82 -15.27
N SER A 3 -10.54 -15.17 -14.29
CA SER A 3 -9.82 -14.34 -13.34
C SER A 3 -9.51 -15.10 -12.06
N GLY A 4 -8.52 -14.64 -11.32
CA GLY A 4 -8.15 -15.29 -10.07
C GLY A 4 -7.27 -14.41 -9.20
N SER A 5 -7.91 -13.61 -8.35
CA SER A 5 -7.19 -12.70 -7.46
C SER A 5 -6.57 -13.48 -6.30
N SER A 6 -5.33 -13.14 -5.97
CA SER A 6 -4.62 -13.81 -4.88
C SER A 6 -5.07 -13.28 -3.52
N GLY A 7 -4.96 -11.97 -3.34
CA GLY A 7 -5.37 -11.36 -2.09
C GLY A 7 -4.81 -9.95 -1.93
N VAL A 8 -5.35 -9.22 -0.95
CA VAL A 8 -4.89 -7.86 -0.68
C VAL A 8 -3.61 -7.86 0.14
N ILE A 9 -2.96 -9.01 0.23
CA ILE A 9 -1.73 -9.14 0.98
C ILE A 9 -0.57 -8.44 0.28
N GLY A 10 0.11 -7.55 0.99
CA GLY A 10 1.23 -6.82 0.42
C GLY A 10 0.77 -5.66 -0.44
N THR A 11 0.41 -5.95 -1.68
CA THR A 11 -0.05 -4.92 -2.61
C THR A 11 -1.18 -4.10 -2.01
N TRP A 12 -1.06 -2.78 -2.12
CA TRP A 12 -2.08 -1.88 -1.58
C TRP A 12 -2.84 -1.19 -2.72
N ASP A 13 -4.16 -1.43 -2.77
CA ASP A 13 -5.00 -0.83 -3.80
C ASP A 13 -5.12 0.67 -3.59
N CYS A 14 -5.27 1.40 -4.68
CA CYS A 14 -5.41 2.86 -4.63
C CYS A 14 -6.86 3.27 -4.47
N ASP A 15 -7.08 4.55 -4.21
CA ASP A 15 -8.44 5.07 -4.04
C ASP A 15 -8.76 6.11 -5.11
N THR A 16 -7.76 6.90 -5.47
CA THR A 16 -7.94 7.94 -6.48
C THR A 16 -7.99 7.33 -7.88
N CYS A 17 -6.88 6.75 -8.30
CA CYS A 17 -6.79 6.13 -9.62
C CYS A 17 -7.26 4.68 -9.57
N LEU A 18 -7.16 4.06 -8.40
CA LEU A 18 -7.57 2.67 -8.23
C LEU A 18 -6.70 1.73 -9.03
N VAL A 19 -5.38 1.92 -8.92
CA VAL A 19 -4.43 1.08 -9.66
C VAL A 19 -3.51 0.34 -8.69
N GLN A 20 -3.36 -0.97 -8.91
CA GLN A 20 -2.51 -1.79 -8.06
C GLN A 20 -1.08 -1.30 -8.09
N ASN A 21 -0.39 -1.45 -6.97
CA ASN A 21 1.00 -1.01 -6.86
C ASN A 21 1.80 -1.96 -5.97
N LYS A 22 3.13 -1.84 -6.02
CA LYS A 22 4.00 -2.69 -5.22
C LYS A 22 4.01 -2.23 -3.76
N PRO A 23 4.13 -3.21 -2.84
CA PRO A 23 4.14 -2.94 -1.40
C PRO A 23 5.43 -2.24 -0.97
N GLU A 24 6.32 -1.99 -1.92
CA GLU A 24 7.58 -1.32 -1.63
C GLU A 24 7.49 0.18 -1.91
N ALA A 25 6.79 0.52 -3.00
CA ALA A 25 6.62 1.93 -3.38
C ALA A 25 5.81 2.68 -2.34
N ILE A 26 6.40 3.75 -1.81
CA ILE A 26 5.73 4.57 -0.80
C ILE A 26 4.52 5.29 -1.39
N LYS A 27 4.62 5.64 -2.67
CA LYS A 27 3.53 6.34 -3.36
C LYS A 27 3.11 5.58 -4.61
N CYS A 28 1.91 5.86 -5.10
CA CYS A 28 1.39 5.21 -6.29
C CYS A 28 2.31 5.44 -7.49
N VAL A 29 2.06 4.72 -8.58
CA VAL A 29 2.86 4.85 -9.78
C VAL A 29 2.09 5.55 -10.89
N ALA A 30 0.77 5.40 -10.86
CA ALA A 30 -0.10 6.02 -11.86
C ALA A 30 -0.43 7.46 -11.48
N CYS A 31 -1.01 7.63 -10.30
CA CYS A 31 -1.37 8.96 -9.81
C CYS A 31 -0.26 9.56 -8.96
N GLU A 32 0.62 8.70 -8.47
CA GLU A 32 1.73 9.15 -7.64
C GLU A 32 1.23 9.75 -6.32
N THR A 33 0.27 9.07 -5.69
CA THR A 33 -0.30 9.52 -4.44
C THR A 33 0.40 8.86 -3.26
N PRO A 34 0.68 9.67 -2.22
CA PRO A 34 1.33 9.18 -0.99
C PRO A 34 0.44 8.27 -0.17
N LYS A 35 0.92 7.07 0.12
CA LYS A 35 0.17 6.09 0.90
C LYS A 35 -0.28 6.70 2.21
N PRO A 36 -1.53 6.38 2.62
CA PRO A 36 -2.12 6.88 3.86
C PRO A 36 -1.45 6.28 5.10
N GLY A 37 -0.97 5.04 4.96
CA GLY A 37 -0.33 4.37 6.08
C GLY A 37 0.96 5.05 6.49
N THR A 38 2.09 4.47 6.10
CA THR A 38 3.40 5.04 6.44
C THR A 38 3.94 5.89 5.30
N CYS A 39 4.82 6.83 5.64
CA CYS A 39 5.42 7.71 4.64
C CYS A 39 6.78 8.22 5.12
N VAL A 40 7.83 7.82 4.41
CA VAL A 40 9.19 8.24 4.75
C VAL A 40 9.36 9.74 4.55
N LYS A 41 10.16 10.36 5.43
CA LYS A 41 10.41 11.78 5.35
C LYS A 41 11.18 12.13 4.07
N ARG A 42 12.37 11.54 3.93
CA ARG A 42 13.21 11.79 2.75
C ARG A 42 13.12 10.62 1.77
N ALA A 43 13.22 10.93 0.48
CA ALA A 43 13.16 9.91 -0.55
C ALA A 43 14.42 9.92 -1.41
N LEU A 44 14.51 8.99 -2.35
CA LEU A 44 15.66 8.90 -3.23
C LEU A 44 15.74 10.13 -4.14
N THR A 45 16.96 10.66 -4.29
CA THR A 45 17.18 11.83 -5.12
C THR A 45 17.05 11.50 -6.59
N LEU A 46 16.23 12.28 -7.30
CA LEU A 46 16.01 12.05 -8.73
C LEU A 46 16.20 13.35 -9.51
N THR A 47 17.23 13.39 -10.34
CA THR A 47 17.52 14.56 -11.16
C THR A 47 16.49 14.73 -12.26
ZN ZN B . -3.09 5.70 -7.56
N GLY A 1 4.99 -25.35 -5.08
CA GLY A 1 4.00 -25.39 -4.00
C GLY A 1 3.94 -24.09 -3.23
N SER A 2 2.91 -23.29 -3.50
CA SER A 2 2.74 -22.01 -2.82
C SER A 2 1.80 -22.15 -1.64
N SER A 3 2.07 -21.37 -0.58
CA SER A 3 1.25 -21.41 0.62
C SER A 3 0.73 -20.02 0.97
N GLY A 4 -0.53 -19.95 1.37
CA GLY A 4 -1.13 -18.67 1.72
C GLY A 4 -0.66 -18.17 3.08
N SER A 5 0.54 -17.61 3.11
CA SER A 5 1.11 -17.09 4.36
C SER A 5 0.04 -16.40 5.19
N SER A 6 -0.69 -15.47 4.58
CA SER A 6 -1.74 -14.73 5.27
C SER A 6 -1.20 -14.04 6.51
N GLY A 7 -0.02 -13.43 6.37
CA GLY A 7 0.59 -12.73 7.49
C GLY A 7 0.95 -11.29 7.16
N VAL A 8 1.95 -11.12 6.30
CA VAL A 8 2.39 -9.79 5.90
C VAL A 8 1.55 -9.26 4.75
N ILE A 9 1.25 -7.96 4.80
CA ILE A 9 0.45 -7.33 3.75
C ILE A 9 1.27 -7.10 2.49
N GLY A 10 0.65 -7.34 1.33
CA GLY A 10 1.35 -7.16 0.07
C GLY A 10 0.94 -5.88 -0.64
N THR A 11 0.55 -6.00 -1.90
CA THR A 11 0.15 -4.85 -2.70
C THR A 11 -0.98 -4.08 -2.00
N TRP A 12 -1.06 -2.79 -2.28
CA TRP A 12 -2.09 -1.94 -1.69
C TRP A 12 -2.90 -1.22 -2.77
N ASP A 13 -4.19 -1.52 -2.82
CA ASP A 13 -5.08 -0.90 -3.81
C ASP A 13 -5.16 0.61 -3.59
N CYS A 14 -5.28 1.35 -4.69
CA CYS A 14 -5.35 2.81 -4.63
C CYS A 14 -6.80 3.26 -4.44
N ASP A 15 -6.99 4.55 -4.16
CA ASP A 15 -8.31 5.11 -3.97
C ASP A 15 -8.61 6.17 -5.02
N THR A 16 -7.59 6.94 -5.38
CA THR A 16 -7.74 8.00 -6.37
C THR A 16 -7.89 7.41 -7.78
N CYS A 17 -6.83 6.74 -8.25
CA CYS A 17 -6.84 6.14 -9.58
C CYS A 17 -7.31 4.69 -9.50
N LEU A 18 -7.15 4.08 -8.34
CA LEU A 18 -7.56 2.70 -8.14
C LEU A 18 -6.68 1.75 -8.94
N VAL A 19 -5.36 1.98 -8.89
CA VAL A 19 -4.42 1.15 -9.62
C VAL A 19 -3.50 0.38 -8.65
N GLN A 20 -3.37 -0.92 -8.88
CA GLN A 20 -2.53 -1.75 -8.04
C GLN A 20 -1.09 -1.26 -8.05
N ASN A 21 -0.41 -1.39 -6.90
CA ASN A 21 0.97 -0.95 -6.77
C ASN A 21 1.75 -1.88 -5.84
N LYS A 22 3.07 -1.76 -5.87
CA LYS A 22 3.93 -2.58 -5.03
C LYS A 22 3.91 -2.09 -3.59
N PRO A 23 4.11 -3.01 -2.64
CA PRO A 23 4.13 -2.69 -1.21
C PRO A 23 5.36 -1.89 -0.81
N GLU A 24 6.48 -2.16 -1.47
CA GLU A 24 7.72 -1.46 -1.17
C GLU A 24 7.59 0.03 -1.47
N ALA A 25 6.92 0.35 -2.57
CA ALA A 25 6.71 1.74 -2.97
C ALA A 25 5.86 2.48 -1.95
N ILE A 26 6.18 3.75 -1.72
CA ILE A 26 5.44 4.56 -0.77
C ILE A 26 4.33 5.36 -1.47
N LYS A 27 4.50 5.58 -2.76
CA LYS A 27 3.52 6.32 -3.55
C LYS A 27 3.00 5.46 -4.69
N CYS A 28 2.06 6.03 -5.46
CA CYS A 28 1.47 5.31 -6.58
C CYS A 28 2.31 5.49 -7.84
N VAL A 29 1.96 4.77 -8.90
CA VAL A 29 2.69 4.84 -10.16
C VAL A 29 1.89 5.63 -11.20
N ALA A 30 0.57 5.61 -11.06
CA ALA A 30 -0.31 6.32 -11.98
C ALA A 30 -0.60 7.73 -11.49
N CYS A 31 -1.19 7.84 -10.31
CA CYS A 31 -1.51 9.13 -9.73
C CYS A 31 -0.36 9.65 -8.87
N GLU A 32 0.58 8.77 -8.56
CA GLU A 32 1.74 9.13 -7.75
C GLU A 32 1.29 9.73 -6.41
N THR A 33 0.33 9.07 -5.77
CA THR A 33 -0.19 9.53 -4.49
C THR A 33 0.48 8.80 -3.33
N PRO A 34 0.81 9.54 -2.27
CA PRO A 34 1.45 8.98 -1.08
C PRO A 34 0.51 8.08 -0.28
N LYS A 35 0.92 6.83 -0.08
CA LYS A 35 0.12 5.88 0.66
C LYS A 35 -0.26 6.42 2.03
N PRO A 36 -1.52 6.19 2.43
CA PRO A 36 -2.03 6.66 3.74
C PRO A 36 -1.39 5.90 4.90
N GLY A 37 -0.22 6.36 5.33
CA GLY A 37 0.47 5.72 6.44
C GLY A 37 1.61 6.56 6.97
N THR A 38 1.40 7.86 7.07
CA THR A 38 2.42 8.77 7.56
C THR A 38 3.10 8.22 8.81
N CYS A 39 2.29 7.69 9.72
CA CYS A 39 2.80 7.14 10.98
C CYS A 39 2.79 5.61 10.93
N VAL A 40 3.92 5.01 11.28
CA VAL A 40 4.04 3.56 11.28
C VAL A 40 3.45 2.96 12.55
N LYS A 41 2.50 2.04 12.38
CA LYS A 41 1.86 1.39 13.52
C LYS A 41 2.60 0.11 13.89
N ARG A 42 2.73 -0.80 12.92
CA ARG A 42 3.41 -2.07 13.15
C ARG A 42 4.85 -2.01 12.64
N ALA A 43 5.72 -2.78 13.27
CA ALA A 43 7.13 -2.82 12.88
C ALA A 43 7.76 -4.17 13.20
N LEU A 44 8.22 -4.87 12.17
CA LEU A 44 8.85 -6.18 12.36
C LEU A 44 10.36 -6.09 12.22
N THR A 45 11.07 -6.61 13.21
CA THR A 45 12.53 -6.58 13.19
C THR A 45 13.10 -7.99 13.07
N LEU A 46 14.15 -8.13 12.25
CA LEU A 46 14.78 -9.42 12.03
C LEU A 46 15.28 -10.00 13.34
N THR A 47 15.89 -9.15 14.17
CA THR A 47 16.42 -9.58 15.46
C THR A 47 15.31 -10.07 16.37
ZN ZN B . -3.08 5.75 -7.63
N GLY A 1 1.14 -22.38 -4.76
CA GLY A 1 2.16 -21.57 -4.13
C GLY A 1 2.12 -21.65 -2.62
N SER A 2 1.46 -20.68 -1.99
CA SER A 2 1.36 -20.64 -0.54
C SER A 2 0.02 -20.06 -0.10
N SER A 3 -0.64 -20.75 0.83
CA SER A 3 -1.94 -20.31 1.33
C SER A 3 -1.82 -18.96 2.03
N GLY A 4 -0.95 -18.90 3.03
CA GLY A 4 -0.75 -17.66 3.78
C GLY A 4 -1.38 -17.71 5.16
N SER A 5 -0.61 -18.22 6.13
CA SER A 5 -1.10 -18.33 7.50
C SER A 5 -1.02 -16.98 8.21
N SER A 6 0.14 -16.33 8.10
CA SER A 6 0.35 -15.03 8.73
C SER A 6 -0.78 -14.07 8.39
N GLY A 7 -1.12 -14.01 7.10
CA GLY A 7 -2.18 -13.12 6.66
C GLY A 7 -1.70 -11.71 6.41
N VAL A 8 -0.69 -11.58 5.55
CA VAL A 8 -0.13 -10.27 5.23
C VAL A 8 -0.56 -9.81 3.84
N ILE A 9 -1.02 -8.57 3.75
CA ILE A 9 -1.47 -8.00 2.49
C ILE A 9 -0.31 -7.45 1.68
N GLY A 10 -0.12 -7.98 0.47
CA GLY A 10 0.97 -7.52 -0.38
C GLY A 10 0.68 -6.18 -1.01
N THR A 11 0.24 -6.20 -2.27
CA THR A 11 -0.07 -4.98 -2.99
C THR A 11 -1.28 -4.26 -2.38
N TRP A 12 -1.22 -2.94 -2.35
CA TRP A 12 -2.31 -2.14 -1.80
C TRP A 12 -3.09 -1.45 -2.90
N ASP A 13 -4.42 -1.63 -2.89
CA ASP A 13 -5.27 -1.01 -3.90
C ASP A 13 -5.38 0.49 -3.68
N CYS A 14 -5.04 1.25 -4.70
CA CYS A 14 -5.09 2.71 -4.62
C CYS A 14 -6.52 3.19 -4.42
N ASP A 15 -6.67 4.46 -4.07
CA ASP A 15 -7.99 5.05 -3.85
C ASP A 15 -8.31 6.10 -4.92
N THR A 16 -7.27 6.80 -5.38
CA THR A 16 -7.43 7.82 -6.40
C THR A 16 -7.67 7.20 -7.77
N CYS A 17 -6.68 6.50 -8.28
CA CYS A 17 -6.77 5.85 -9.59
C CYS A 17 -7.19 4.39 -9.44
N LEU A 18 -6.98 3.84 -8.25
CA LEU A 18 -7.32 2.45 -7.99
C LEU A 18 -6.43 1.50 -8.78
N VAL A 19 -5.15 1.85 -8.87
CA VAL A 19 -4.19 1.02 -9.60
C VAL A 19 -3.43 0.10 -8.65
N GLN A 20 -2.98 -1.03 -9.16
CA GLN A 20 -2.24 -2.00 -8.36
C GLN A 20 -0.87 -1.44 -7.99
N ASN A 21 -0.69 -1.12 -6.71
CA ASN A 21 0.57 -0.59 -6.21
C ASN A 21 1.37 -1.66 -5.49
N LYS A 22 2.70 -1.55 -5.56
CA LYS A 22 3.58 -2.50 -4.91
C LYS A 22 3.75 -2.18 -3.42
N PRO A 23 3.91 -3.22 -2.60
CA PRO A 23 4.09 -3.07 -1.15
C PRO A 23 5.42 -2.43 -0.78
N GLU A 24 6.30 -2.29 -1.78
CA GLU A 24 7.61 -1.70 -1.56
C GLU A 24 7.59 -0.21 -1.86
N ALA A 25 6.77 0.20 -2.83
CA ALA A 25 6.66 1.60 -3.20
C ALA A 25 5.94 2.40 -2.13
N ILE A 26 6.40 3.62 -1.90
CA ILE A 26 5.80 4.49 -0.89
C ILE A 26 4.60 5.24 -1.46
N LYS A 27 4.67 5.57 -2.75
CA LYS A 27 3.59 6.28 -3.41
C LYS A 27 3.11 5.52 -4.64
N CYS A 28 2.05 6.04 -5.27
CA CYS A 28 1.50 5.41 -6.46
C CYS A 28 2.35 5.71 -7.69
N VAL A 29 2.08 5.01 -8.78
CA VAL A 29 2.82 5.20 -10.03
C VAL A 29 1.95 5.85 -11.09
N ALA A 30 0.64 5.64 -10.99
CA ALA A 30 -0.30 6.22 -11.94
C ALA A 30 -0.66 7.65 -11.57
N CYS A 31 -1.19 7.81 -10.36
CA CYS A 31 -1.58 9.13 -9.88
C CYS A 31 -0.46 9.76 -9.05
N GLU A 32 0.44 8.93 -8.56
CA GLU A 32 1.56 9.40 -7.74
C GLU A 32 1.06 10.00 -6.43
N THR A 33 0.11 9.32 -5.81
CA THR A 33 -0.45 9.80 -4.54
C THR A 33 0.25 9.15 -3.35
N PRO A 34 0.47 9.96 -2.30
CA PRO A 34 1.14 9.49 -1.07
C PRO A 34 0.28 8.52 -0.28
N LYS A 35 0.87 7.37 0.06
CA LYS A 35 0.15 6.34 0.82
C LYS A 35 -0.23 6.86 2.20
N PRO A 36 -1.45 6.52 2.64
CA PRO A 36 -1.96 6.94 3.95
C PRO A 36 -1.25 6.25 5.10
N GLY A 37 -0.75 7.05 6.05
CA GLY A 37 -0.04 6.50 7.19
C GLY A 37 1.18 7.31 7.57
N THR A 38 2.01 7.63 6.59
CA THR A 38 3.22 8.40 6.82
C THR A 38 2.90 9.90 6.90
N CYS A 39 1.62 10.22 7.03
CA CYS A 39 1.19 11.62 7.12
C CYS A 39 0.26 11.82 8.31
N VAL A 40 0.74 12.57 9.30
CA VAL A 40 -0.03 12.85 10.50
C VAL A 40 -0.51 14.30 10.52
N LYS A 41 0.25 15.17 9.87
CA LYS A 41 -0.09 16.59 9.81
C LYS A 41 -1.58 16.78 9.50
N ARG A 42 -2.01 16.21 8.37
CA ARG A 42 -3.40 16.32 7.95
C ARG A 42 -4.31 15.51 8.86
N ALA A 43 -5.53 15.98 9.05
CA ALA A 43 -6.50 15.30 9.90
C ALA A 43 -7.19 14.17 9.15
N LEU A 44 -7.62 13.15 9.90
CA LEU A 44 -8.30 12.00 9.30
C LEU A 44 -9.68 12.39 8.76
N THR A 45 -9.93 12.04 7.51
CA THR A 45 -11.22 12.36 6.88
C THR A 45 -11.73 11.18 6.06
N LEU A 46 -12.89 10.67 6.43
CA LEU A 46 -13.50 9.54 5.72
C LEU A 46 -14.25 10.02 4.49
N THR A 47 -14.19 9.22 3.42
CA THR A 47 -14.87 9.55 2.18
C THR A 47 -16.38 9.45 2.33
ZN ZN B . -3.06 5.78 -7.73
N GLY A 1 3.49 -26.52 3.95
CA GLY A 1 2.08 -26.22 4.14
C GLY A 1 1.29 -26.30 2.84
N SER A 2 0.89 -27.51 2.47
CA SER A 2 0.13 -27.72 1.24
C SER A 2 -1.06 -26.76 1.17
N SER A 3 -1.80 -26.67 2.27
CA SER A 3 -2.96 -25.80 2.32
C SER A 3 -2.56 -24.33 2.27
N GLY A 4 -3.19 -23.57 1.39
CA GLY A 4 -2.88 -22.16 1.27
C GLY A 4 -4.07 -21.27 1.57
N SER A 5 -3.84 -20.27 2.41
CA SER A 5 -4.91 -19.34 2.79
C SER A 5 -4.42 -17.90 2.72
N SER A 6 -5.33 -16.99 2.40
CA SER A 6 -5.00 -15.57 2.30
C SER A 6 -4.63 -15.00 3.66
N GLY A 7 -3.38 -14.57 3.80
CA GLY A 7 -2.92 -14.02 5.06
C GLY A 7 -2.12 -12.74 4.86
N VAL A 8 -0.92 -12.86 4.33
CA VAL A 8 -0.06 -11.71 4.10
C VAL A 8 -0.62 -10.82 2.99
N ILE A 9 -0.47 -9.50 3.15
CA ILE A 9 -0.97 -8.56 2.17
C ILE A 9 0.18 -7.73 1.58
N GLY A 10 0.41 -7.89 0.27
CA GLY A 10 1.47 -7.15 -0.38
C GLY A 10 0.99 -5.85 -0.98
N THR A 11 0.69 -5.88 -2.28
CA THR A 11 0.21 -4.69 -2.98
C THR A 11 -0.98 -4.07 -2.26
N TRP A 12 -1.18 -2.77 -2.47
CA TRP A 12 -2.29 -2.06 -1.85
C TRP A 12 -3.15 -1.36 -2.89
N ASP A 13 -4.46 -1.55 -2.78
CA ASP A 13 -5.39 -0.93 -3.73
C ASP A 13 -5.42 0.58 -3.56
N CYS A 14 -5.26 1.30 -4.67
CA CYS A 14 -5.27 2.76 -4.64
C CYS A 14 -6.69 3.29 -4.47
N ASP A 15 -6.79 4.59 -4.18
CA ASP A 15 -8.09 5.23 -3.98
C ASP A 15 -8.32 6.29 -5.05
N THR A 16 -7.25 6.93 -5.49
CA THR A 16 -7.35 7.98 -6.51
C THR A 16 -7.58 7.38 -7.88
N CYS A 17 -6.63 6.58 -8.35
CA CYS A 17 -6.73 5.95 -9.65
C CYS A 17 -7.18 4.49 -9.52
N LEU A 18 -7.02 3.93 -8.33
CA LEU A 18 -7.42 2.56 -8.07
C LEU A 18 -6.56 1.58 -8.86
N VAL A 19 -5.25 1.84 -8.88
CA VAL A 19 -4.31 0.98 -9.60
C VAL A 19 -3.55 0.08 -8.64
N GLN A 20 -3.22 -1.12 -9.10
CA GLN A 20 -2.50 -2.09 -8.29
C GLN A 20 -1.02 -1.70 -8.17
N ASN A 21 -0.64 -1.21 -7.00
CA ASN A 21 0.74 -0.79 -6.76
C ASN A 21 1.42 -1.72 -5.75
N LYS A 22 2.74 -1.74 -5.77
CA LYS A 22 3.51 -2.59 -4.86
C LYS A 22 3.60 -1.95 -3.47
N PRO A 23 3.77 -2.80 -2.44
CA PRO A 23 3.88 -2.34 -1.06
C PRO A 23 5.18 -1.58 -0.79
N GLU A 24 6.20 -1.88 -1.58
CA GLU A 24 7.49 -1.23 -1.43
C GLU A 24 7.42 0.23 -1.87
N ALA A 25 6.66 0.49 -2.92
CA ALA A 25 6.51 1.84 -3.44
C ALA A 25 5.83 2.74 -2.43
N ILE A 26 6.57 3.74 -1.93
CA ILE A 26 6.02 4.67 -0.95
C ILE A 26 4.77 5.36 -1.48
N LYS A 27 4.73 5.57 -2.79
CA LYS A 27 3.58 6.22 -3.42
C LYS A 27 3.11 5.43 -4.65
N CYS A 28 2.01 5.86 -5.23
CA CYS A 28 1.46 5.20 -6.42
C CYS A 28 2.35 5.43 -7.63
N VAL A 29 2.06 4.71 -8.71
CA VAL A 29 2.84 4.83 -9.94
C VAL A 29 2.07 5.62 -11.00
N ALA A 30 0.75 5.51 -10.95
CA ALA A 30 -0.11 6.22 -11.90
C ALA A 30 -0.39 7.65 -11.43
N CYS A 31 -1.14 7.77 -10.34
CA CYS A 31 -1.48 9.08 -9.80
C CYS A 31 -0.36 9.59 -8.89
N GLU A 32 0.50 8.68 -8.45
CA GLU A 32 1.61 9.05 -7.57
C GLU A 32 1.09 9.61 -6.25
N THR A 33 0.04 8.99 -5.71
CA THR A 33 -0.55 9.44 -4.46
C THR A 33 0.21 8.86 -3.26
N PRO A 34 0.37 9.68 -2.21
CA PRO A 34 1.08 9.28 -1.00
C PRO A 34 0.29 8.25 -0.19
N LYS A 35 0.94 7.13 0.13
CA LYS A 35 0.30 6.07 0.90
C LYS A 35 -0.07 6.55 2.30
N PRO A 36 -1.27 6.19 2.76
CA PRO A 36 -1.76 6.58 4.08
C PRO A 36 -1.02 5.87 5.21
N GLY A 37 -0.27 4.83 4.85
CA GLY A 37 0.48 4.08 5.83
C GLY A 37 -0.33 2.95 6.44
N THR A 38 -1.00 2.19 5.59
CA THR A 38 -1.82 1.07 6.05
C THR A 38 -0.95 -0.11 6.49
N CYS A 39 0.00 -0.46 5.63
CA CYS A 39 0.90 -1.58 5.93
C CYS A 39 1.88 -1.20 7.03
N VAL A 40 2.73 -0.22 6.76
CA VAL A 40 3.73 0.24 7.73
C VAL A 40 3.06 0.91 8.92
N LYS A 41 3.50 0.54 10.11
CA LYS A 41 2.95 1.12 11.34
C LYS A 41 3.17 2.62 11.40
N ARG A 42 4.44 3.03 11.30
CA ARG A 42 4.80 4.45 11.34
C ARG A 42 5.46 4.87 10.04
N ALA A 43 4.71 5.57 9.19
CA ALA A 43 5.23 6.04 7.92
C ALA A 43 6.71 6.39 8.02
N LEU A 44 7.05 7.22 9.00
CA LEU A 44 8.44 7.62 9.21
C LEU A 44 8.94 8.46 8.04
N THR A 45 8.11 9.40 7.59
CA THR A 45 8.47 10.25 6.46
C THR A 45 9.56 11.24 6.86
N LEU A 46 10.16 11.89 5.87
CA LEU A 46 11.22 12.86 6.11
C LEU A 46 10.64 14.17 6.62
N THR A 47 9.75 14.78 5.84
CA THR A 47 9.12 16.04 6.22
C THR A 47 8.17 15.84 7.38
ZN ZN B . -3.02 5.71 -7.79
N GLY A 1 -8.82 -13.22 -16.02
CA GLY A 1 -7.66 -14.08 -15.93
C GLY A 1 -7.56 -14.78 -14.59
N SER A 2 -6.85 -14.15 -13.65
CA SER A 2 -6.68 -14.73 -12.32
C SER A 2 -7.75 -14.22 -11.37
N SER A 3 -8.42 -15.16 -10.68
CA SER A 3 -9.47 -14.81 -9.74
C SER A 3 -9.08 -15.21 -8.32
N GLY A 4 -9.90 -14.80 -7.35
CA GLY A 4 -9.63 -15.12 -5.96
C GLY A 4 -8.28 -14.60 -5.50
N SER A 5 -7.64 -15.33 -4.60
CA SER A 5 -6.34 -14.94 -4.07
C SER A 5 -5.22 -15.27 -5.06
N SER A 6 -4.68 -14.25 -5.71
CA SER A 6 -3.61 -14.43 -6.68
C SER A 6 -2.61 -13.30 -6.60
N GLY A 7 -1.37 -13.58 -7.00
CA GLY A 7 -0.32 -12.57 -6.96
C GLY A 7 0.28 -12.40 -5.59
N VAL A 8 0.31 -11.16 -5.11
CA VAL A 8 0.87 -10.86 -3.79
C VAL A 8 -0.01 -9.87 -3.04
N ILE A 9 -0.63 -10.35 -1.95
CA ILE A 9 -1.50 -9.50 -1.14
C ILE A 9 -0.80 -8.19 -0.77
N GLY A 10 0.48 -8.29 -0.42
CA GLY A 10 1.23 -7.11 -0.05
C GLY A 10 0.80 -5.88 -0.82
N THR A 11 0.58 -6.04 -2.12
CA THR A 11 0.16 -4.93 -2.97
C THR A 11 -1.05 -4.23 -2.39
N TRP A 12 -0.98 -2.90 -2.30
CA TRP A 12 -2.07 -2.10 -1.76
C TRP A 12 -2.88 -1.47 -2.88
N ASP A 13 -4.19 -1.44 -2.72
CA ASP A 13 -5.08 -0.85 -3.72
C ASP A 13 -5.18 0.66 -3.54
N CYS A 14 -5.31 1.38 -4.65
CA CYS A 14 -5.41 2.83 -4.61
C CYS A 14 -6.87 3.27 -4.50
N ASP A 15 -7.07 4.54 -4.15
CA ASP A 15 -8.42 5.08 -4.02
C ASP A 15 -8.70 6.12 -5.09
N THR A 16 -7.68 6.90 -5.44
CA THR A 16 -7.82 7.94 -6.45
C THR A 16 -7.91 7.32 -7.85
N CYS A 17 -6.84 6.65 -8.27
CA CYS A 17 -6.79 6.03 -9.57
C CYS A 17 -7.27 4.58 -9.50
N LEU A 18 -7.17 3.99 -8.32
CA LEU A 18 -7.60 2.61 -8.11
C LEU A 18 -6.73 1.65 -8.92
N VAL A 19 -5.42 1.84 -8.86
CA VAL A 19 -4.49 0.99 -9.58
C VAL A 19 -3.57 0.24 -8.62
N GLN A 20 -3.43 -1.06 -8.83
CA GLN A 20 -2.58 -1.89 -7.98
C GLN A 20 -1.13 -1.40 -8.01
N ASN A 21 -0.45 -1.52 -6.88
CA ASN A 21 0.94 -1.10 -6.79
C ASN A 21 1.75 -2.05 -5.91
N LYS A 22 3.06 -1.85 -5.87
CA LYS A 22 3.93 -2.68 -5.07
C LYS A 22 3.92 -2.25 -3.60
N PRO A 23 4.01 -3.22 -2.69
CA PRO A 23 4.00 -2.96 -1.24
C PRO A 23 5.29 -2.28 -0.78
N GLU A 24 6.26 -2.19 -1.69
CA GLU A 24 7.54 -1.55 -1.36
C GLU A 24 7.48 -0.05 -1.61
N ALA A 25 6.84 0.34 -2.71
CA ALA A 25 6.72 1.74 -3.08
C ALA A 25 5.92 2.51 -2.03
N ILE A 26 6.38 3.73 -1.71
CA ILE A 26 5.71 4.55 -0.71
C ILE A 26 4.50 5.27 -1.32
N LYS A 27 4.62 5.62 -2.60
CA LYS A 27 3.54 6.32 -3.30
C LYS A 27 3.09 5.53 -4.52
N CYS A 28 2.07 6.03 -5.21
CA CYS A 28 1.53 5.37 -6.39
C CYS A 28 2.41 5.64 -7.60
N VAL A 29 2.16 4.93 -8.69
CA VAL A 29 2.93 5.09 -9.92
C VAL A 29 2.10 5.82 -10.98
N ALA A 30 0.79 5.59 -10.97
CA ALA A 30 -0.11 6.22 -11.92
C ALA A 30 -0.46 7.64 -11.48
N CYS A 31 -1.16 7.75 -10.36
CA CYS A 31 -1.56 9.05 -9.83
C CYS A 31 -0.43 9.68 -9.02
N GLU A 32 0.49 8.85 -8.56
CA GLU A 32 1.63 9.33 -7.77
C GLU A 32 1.15 9.94 -6.45
N THR A 33 0.21 9.26 -5.80
CA THR A 33 -0.32 9.73 -4.53
C THR A 33 0.37 9.07 -3.35
N PRO A 34 0.66 9.86 -2.31
CA PRO A 34 1.33 9.36 -1.11
C PRO A 34 0.45 8.43 -0.28
N LYS A 35 0.87 7.18 -0.15
CA LYS A 35 0.10 6.19 0.61
C LYS A 35 -0.17 6.69 2.02
N PRO A 36 -1.38 6.43 2.51
CA PRO A 36 -1.80 6.83 3.86
C PRO A 36 -1.09 6.05 4.95
N GLY A 37 -0.41 4.97 4.55
CA GLY A 37 0.31 4.15 5.51
C GLY A 37 -0.62 3.41 6.45
N THR A 38 -0.39 2.11 6.61
CA THR A 38 -1.22 1.29 7.47
C THR A 38 -0.60 1.15 8.85
N CYS A 39 0.69 0.82 8.89
CA CYS A 39 1.41 0.67 10.15
C CYS A 39 0.73 -0.39 11.03
N VAL A 40 0.34 -1.49 10.40
CA VAL A 40 -0.32 -2.58 11.12
C VAL A 40 0.51 -3.03 12.32
N LYS A 41 1.83 -3.12 12.11
CA LYS A 41 2.74 -3.55 13.16
C LYS A 41 2.46 -2.79 14.46
N ARG A 42 2.22 -1.48 14.33
CA ARG A 42 1.94 -0.64 15.48
C ARG A 42 1.12 -1.39 16.52
N ALA A 43 0.01 -1.98 16.08
CA ALA A 43 -0.87 -2.73 16.96
C ALA A 43 -0.23 -4.04 17.39
N LEU A 44 -0.38 -4.38 18.66
CA LEU A 44 0.19 -5.62 19.19
C LEU A 44 -0.87 -6.70 19.35
N THR A 45 -0.46 -7.90 19.72
CA THR A 45 -1.38 -9.02 19.89
C THR A 45 -1.22 -9.63 21.28
N LEU A 46 -2.33 -10.11 21.83
CA LEU A 46 -2.32 -10.74 23.15
C LEU A 46 -1.04 -11.56 23.36
N THR A 47 -0.86 -12.57 22.53
CA THR A 47 0.32 -13.43 22.61
C THR A 47 1.59 -12.65 22.30
ZN ZN B . -2.99 5.66 -7.60
N GLY A 1 -8.87 -27.86 8.04
CA GLY A 1 -9.14 -26.71 7.19
C GLY A 1 -7.89 -26.16 6.53
N SER A 2 -7.53 -24.93 6.89
CA SER A 2 -6.34 -24.30 6.33
C SER A 2 -5.53 -23.59 7.42
N SER A 3 -4.33 -23.15 7.06
CA SER A 3 -3.46 -22.46 8.01
C SER A 3 -4.18 -21.28 8.65
N GLY A 4 -4.36 -21.35 9.97
CA GLY A 4 -5.03 -20.28 10.69
C GLY A 4 -4.65 -18.91 10.17
N SER A 5 -3.39 -18.53 10.38
CA SER A 5 -2.89 -17.24 9.93
C SER A 5 -2.56 -17.26 8.44
N SER A 6 -2.71 -16.10 7.80
CA SER A 6 -2.44 -15.98 6.37
C SER A 6 -1.75 -14.66 6.06
N GLY A 7 -0.63 -14.74 5.35
CA GLY A 7 0.10 -13.53 5.00
C GLY A 7 0.39 -13.43 3.51
N VAL A 8 -0.68 -13.54 2.71
CA VAL A 8 -0.54 -13.46 1.26
C VAL A 8 -0.93 -12.08 0.75
N ILE A 9 -1.07 -11.12 1.66
CA ILE A 9 -1.44 -9.76 1.29
C ILE A 9 -0.21 -8.86 1.25
N GLY A 10 0.05 -8.29 0.08
CA GLY A 10 1.19 -7.40 -0.07
C GLY A 10 0.83 -6.11 -0.77
N THR A 11 0.47 -6.20 -2.04
CA THR A 11 0.11 -5.03 -2.82
C THR A 11 -1.06 -4.28 -2.18
N TRP A 12 -1.05 -2.96 -2.33
CA TRP A 12 -2.11 -2.13 -1.76
C TRP A 12 -2.90 -1.43 -2.86
N ASP A 13 -4.23 -1.52 -2.78
CA ASP A 13 -5.11 -0.89 -3.76
C ASP A 13 -5.19 0.61 -3.54
N CYS A 14 -5.19 1.37 -4.63
CA CYS A 14 -5.26 2.82 -4.55
C CYS A 14 -6.71 3.29 -4.38
N ASP A 15 -6.88 4.55 -4.00
CA ASP A 15 -8.21 5.11 -3.81
C ASP A 15 -8.52 6.14 -4.89
N THR A 16 -7.52 6.91 -5.28
CA THR A 16 -7.69 7.93 -6.30
C THR A 16 -7.84 7.32 -7.69
N CYS A 17 -6.78 6.67 -8.16
CA CYS A 17 -6.80 6.03 -9.47
C CYS A 17 -7.28 4.59 -9.36
N LEU A 18 -7.17 4.02 -8.17
CA LEU A 18 -7.59 2.64 -7.93
C LEU A 18 -6.77 1.66 -8.76
N VAL A 19 -5.45 1.83 -8.72
CA VAL A 19 -4.55 0.96 -9.47
C VAL A 19 -3.61 0.21 -8.52
N GLN A 20 -3.42 -1.08 -8.78
CA GLN A 20 -2.56 -1.91 -7.96
C GLN A 20 -1.10 -1.46 -8.08
N ASN A 21 -0.39 -1.52 -6.96
CA ASN A 21 1.02 -1.12 -6.94
C ASN A 21 1.83 -2.04 -6.02
N LYS A 22 3.14 -1.79 -5.97
CA LYS A 22 4.02 -2.59 -5.13
C LYS A 22 3.92 -2.18 -3.67
N PRO A 23 4.08 -3.15 -2.77
CA PRO A 23 4.01 -2.92 -1.32
C PRO A 23 5.18 -2.11 -0.80
N GLU A 24 6.34 -2.27 -1.45
CA GLU A 24 7.55 -1.56 -1.04
C GLU A 24 7.40 -0.07 -1.33
N ALA A 25 6.84 0.26 -2.48
CA ALA A 25 6.64 1.65 -2.87
C ALA A 25 5.83 2.41 -1.82
N ILE A 26 6.20 3.66 -1.58
CA ILE A 26 5.50 4.49 -0.61
C ILE A 26 4.33 5.23 -1.25
N LYS A 27 4.49 5.61 -2.51
CA LYS A 27 3.44 6.32 -3.23
C LYS A 27 3.02 5.54 -4.47
N CYS A 28 2.03 6.06 -5.18
CA CYS A 28 1.52 5.42 -6.39
C CYS A 28 2.39 5.77 -7.59
N VAL A 29 2.17 5.07 -8.71
CA VAL A 29 2.94 5.31 -9.92
C VAL A 29 2.08 6.00 -10.98
N ALA A 30 0.79 5.68 -10.99
CA ALA A 30 -0.14 6.28 -11.94
C ALA A 30 -0.52 7.70 -11.52
N CYS A 31 -1.22 7.80 -10.39
CA CYS A 31 -1.66 9.09 -9.87
C CYS A 31 -0.52 9.80 -9.13
N GLU A 32 0.49 9.02 -8.74
CA GLU A 32 1.62 9.57 -8.03
C GLU A 32 1.20 10.15 -6.68
N THR A 33 0.32 9.45 -5.99
CA THR A 33 -0.18 9.89 -4.70
C THR A 33 0.46 9.09 -3.56
N PRO A 34 0.81 9.79 -2.48
CA PRO A 34 1.44 9.18 -1.30
C PRO A 34 0.47 8.28 -0.53
N LYS A 35 0.80 7.00 -0.45
CA LYS A 35 -0.03 6.04 0.26
C LYS A 35 -0.26 6.47 1.71
N PRO A 36 -1.49 6.29 2.20
CA PRO A 36 -1.86 6.65 3.58
C PRO A 36 -1.20 5.74 4.60
N GLY A 37 -0.43 6.34 5.51
CA GLY A 37 0.24 5.57 6.53
C GLY A 37 -0.35 5.80 7.91
N THR A 38 0.48 6.23 8.85
CA THR A 38 0.03 6.48 10.22
C THR A 38 -0.48 5.21 10.88
N CYS A 39 0.22 4.10 10.63
CA CYS A 39 -0.17 2.82 11.21
C CYS A 39 1.06 1.92 11.38
N VAL A 40 1.29 1.48 12.62
CA VAL A 40 2.41 0.62 12.93
C VAL A 40 2.06 -0.85 12.70
N LYS A 41 1.01 -1.08 11.93
CA LYS A 41 0.56 -2.44 11.63
C LYS A 41 0.10 -3.16 12.89
N ARG A 42 -0.64 -2.44 13.73
CA ARG A 42 -1.15 -3.00 14.98
C ARG A 42 -2.59 -2.55 15.23
N ALA A 43 -3.44 -3.50 15.61
CA ALA A 43 -4.84 -3.20 15.89
C ALA A 43 -5.08 -3.10 17.39
N LEU A 44 -5.62 -1.96 17.83
CA LEU A 44 -5.90 -1.73 19.24
C LEU A 44 -6.64 -2.93 19.84
N THR A 45 -7.72 -3.33 19.19
CA THR A 45 -8.52 -4.47 19.66
C THR A 45 -7.88 -5.79 19.25
N LEU A 46 -7.72 -6.69 20.22
CA LEU A 46 -7.12 -8.00 19.96
C LEU A 46 -8.16 -9.11 20.11
N THR A 47 -7.79 -10.31 19.69
CA THR A 47 -8.68 -11.46 19.78
C THR A 47 -8.12 -12.53 20.70
ZN ZN B . -2.99 5.65 -7.61
N GLY A 1 -17.93 -15.74 14.16
CA GLY A 1 -17.35 -14.51 13.68
C GLY A 1 -16.35 -13.92 14.65
N SER A 2 -15.11 -14.38 14.59
CA SER A 2 -14.07 -13.90 15.48
C SER A 2 -13.23 -12.82 14.80
N SER A 3 -12.69 -11.90 15.60
CA SER A 3 -11.88 -10.81 15.07
C SER A 3 -10.69 -11.35 14.29
N GLY A 4 -9.92 -12.24 14.91
CA GLY A 4 -8.76 -12.81 14.25
C GLY A 4 -9.08 -13.31 12.85
N SER A 5 -8.11 -13.20 11.95
CA SER A 5 -8.30 -13.65 10.58
C SER A 5 -6.95 -13.92 9.91
N SER A 6 -6.99 -14.60 8.76
CA SER A 6 -5.77 -14.94 8.04
C SER A 6 -5.88 -14.48 6.58
N GLY A 7 -4.74 -14.19 5.97
CA GLY A 7 -4.71 -13.75 4.59
C GLY A 7 -4.39 -12.28 4.45
N VAL A 8 -3.19 -11.98 3.94
CA VAL A 8 -2.77 -10.60 3.76
C VAL A 8 -2.40 -10.32 2.30
N ILE A 9 -2.98 -9.27 1.74
CA ILE A 9 -2.72 -8.90 0.36
C ILE A 9 -1.53 -7.95 0.27
N GLY A 10 -0.42 -8.43 -0.29
CA GLY A 10 0.77 -7.60 -0.43
C GLY A 10 0.47 -6.27 -1.08
N THR A 11 0.29 -6.27 -2.40
CA THR A 11 0.00 -5.05 -3.13
C THR A 11 -1.21 -4.32 -2.54
N TRP A 12 -1.16 -2.99 -2.57
CA TRP A 12 -2.25 -2.18 -2.04
C TRP A 12 -2.98 -1.45 -3.16
N ASP A 13 -4.30 -1.62 -3.22
CA ASP A 13 -5.12 -0.98 -4.24
C ASP A 13 -5.34 0.50 -3.90
N CYS A 14 -4.99 1.36 -4.85
CA CYS A 14 -5.15 2.80 -4.66
C CYS A 14 -6.61 3.16 -4.47
N ASP A 15 -6.86 4.38 -4.00
CA ASP A 15 -8.22 4.86 -3.77
C ASP A 15 -8.62 5.86 -4.85
N THR A 16 -7.68 6.71 -5.25
CA THR A 16 -7.94 7.72 -6.27
C THR A 16 -8.03 7.10 -7.66
N CYS A 17 -6.89 6.62 -8.15
CA CYS A 17 -6.83 5.99 -9.47
C CYS A 17 -7.21 4.51 -9.39
N LEU A 18 -7.11 3.95 -8.19
CA LEU A 18 -7.44 2.54 -7.98
C LEU A 18 -6.54 1.64 -8.81
N VAL A 19 -5.23 1.92 -8.78
CA VAL A 19 -4.26 1.13 -9.52
C VAL A 19 -3.46 0.23 -8.60
N GLN A 20 -3.04 -0.92 -9.11
CA GLN A 20 -2.26 -1.87 -8.33
C GLN A 20 -0.82 -1.40 -8.18
N ASN A 21 -0.25 -1.60 -6.98
CA ASN A 21 1.12 -1.19 -6.71
C ASN A 21 1.75 -2.09 -5.65
N LYS A 22 3.06 -2.27 -5.75
CA LYS A 22 3.78 -3.11 -4.79
C LYS A 22 3.75 -2.49 -3.40
N PRO A 23 3.73 -3.35 -2.37
CA PRO A 23 3.70 -2.91 -0.98
C PRO A 23 5.02 -2.27 -0.53
N GLU A 24 5.95 -2.16 -1.47
CA GLU A 24 7.25 -1.56 -1.18
C GLU A 24 7.27 -0.09 -1.55
N ALA A 25 6.66 0.25 -2.68
CA ALA A 25 6.61 1.63 -3.15
C ALA A 25 6.01 2.54 -2.09
N ILE A 26 6.59 3.72 -1.94
CA ILE A 26 6.11 4.69 -0.96
C ILE A 26 4.87 5.40 -1.46
N LYS A 27 4.82 5.63 -2.76
CA LYS A 27 3.68 6.31 -3.39
C LYS A 27 3.17 5.55 -4.60
N CYS A 28 2.10 6.05 -5.21
CA CYS A 28 1.51 5.40 -6.38
C CYS A 28 2.35 5.69 -7.62
N VAL A 29 2.05 4.98 -8.70
CA VAL A 29 2.77 5.15 -9.96
C VAL A 29 1.89 5.83 -11.01
N ALA A 30 0.58 5.62 -10.89
CA ALA A 30 -0.37 6.22 -11.82
C ALA A 30 -0.70 7.66 -11.44
N CYS A 31 -1.32 7.83 -10.28
CA CYS A 31 -1.69 9.16 -9.80
C CYS A 31 -0.54 9.79 -9.01
N GLU A 32 0.40 8.95 -8.57
CA GLU A 32 1.54 9.43 -7.80
C GLU A 32 1.08 10.05 -6.48
N THR A 33 0.18 9.36 -5.79
CA THR A 33 -0.33 9.85 -4.52
C THR A 33 0.41 9.21 -3.35
N PRO A 34 0.68 10.02 -2.32
CA PRO A 34 1.39 9.56 -1.12
C PRO A 34 0.57 8.60 -0.28
N LYS A 35 1.15 7.45 0.05
CA LYS A 35 0.47 6.44 0.85
C LYS A 35 -0.09 7.05 2.14
N PRO A 36 -1.30 6.62 2.52
CA PRO A 36 -1.96 7.12 3.73
C PRO A 36 -1.29 6.62 5.00
N GLY A 37 -1.00 5.32 5.05
CA GLY A 37 -0.36 4.74 6.20
C GLY A 37 0.72 5.65 6.78
N THR A 38 0.90 5.58 8.09
CA THR A 38 1.90 6.41 8.77
C THR A 38 2.76 5.56 9.70
N CYS A 39 3.87 6.14 10.15
CA CYS A 39 4.78 5.44 11.06
C CYS A 39 4.36 5.62 12.51
N VAL A 40 3.94 6.83 12.85
CA VAL A 40 3.50 7.13 14.21
C VAL A 40 2.33 6.25 14.62
N LYS A 41 2.35 5.78 15.86
CA LYS A 41 1.29 4.93 16.38
C LYS A 41 0.39 5.71 17.35
N ARG A 42 1.00 6.58 18.13
CA ARG A 42 0.25 7.38 19.10
C ARG A 42 -1.00 7.98 18.47
N ALA A 43 -0.81 8.77 17.42
CA ALA A 43 -1.92 9.40 16.72
C ALA A 43 -3.13 8.47 16.67
N LEU A 44 -2.93 7.28 16.11
CA LEU A 44 -4.01 6.30 16.00
C LEU A 44 -4.25 5.61 17.33
N THR A 45 -5.53 5.43 17.67
CA THR A 45 -5.90 4.78 18.92
C THR A 45 -6.61 3.45 18.66
N LEU A 46 -6.33 2.46 19.51
CA LEU A 46 -6.95 1.15 19.38
C LEU A 46 -8.27 1.08 20.13
N THR A 47 -8.35 1.81 21.25
CA THR A 47 -9.56 1.85 22.05
C THR A 47 -10.76 2.35 21.25
ZN ZN B . -3.02 5.85 -7.51
N GLY A 1 7.87 -18.75 -10.38
CA GLY A 1 7.85 -17.42 -9.80
C GLY A 1 8.67 -16.42 -10.60
N SER A 2 7.99 -15.68 -11.46
CA SER A 2 8.66 -14.68 -12.29
C SER A 2 8.99 -13.42 -11.49
N SER A 3 7.95 -12.80 -10.93
CA SER A 3 8.12 -11.59 -10.13
C SER A 3 8.91 -11.87 -8.87
N GLY A 4 9.35 -10.81 -8.20
CA GLY A 4 10.11 -10.97 -6.98
C GLY A 4 9.36 -11.73 -5.91
N SER A 5 8.23 -11.18 -5.47
CA SER A 5 7.41 -11.82 -4.45
C SER A 5 5.93 -11.52 -4.67
N SER A 6 5.12 -12.57 -4.65
CA SER A 6 3.68 -12.42 -4.84
C SER A 6 2.93 -13.61 -4.24
N GLY A 7 1.59 -13.53 -4.27
CA GLY A 7 0.78 -14.58 -3.72
C GLY A 7 -0.19 -14.09 -2.66
N VAL A 8 0.29 -13.96 -1.43
CA VAL A 8 -0.54 -13.50 -0.33
C VAL A 8 -0.85 -12.01 -0.47
N ILE A 9 -1.68 -11.49 0.43
CA ILE A 9 -2.04 -10.08 0.40
C ILE A 9 -0.82 -9.19 0.63
N GLY A 10 -0.39 -8.52 -0.43
CA GLY A 10 0.76 -7.65 -0.34
C GLY A 10 0.51 -6.29 -0.96
N THR A 11 0.29 -6.28 -2.27
CA THR A 11 0.04 -5.04 -3.00
C THR A 11 -1.14 -4.28 -2.39
N TRP A 12 -1.04 -2.95 -2.40
CA TRP A 12 -2.11 -2.11 -1.86
C TRP A 12 -2.85 -1.38 -2.97
N ASP A 13 -4.18 -1.52 -2.97
CA ASP A 13 -5.01 -0.87 -3.98
C ASP A 13 -5.20 0.61 -3.66
N CYS A 14 -4.94 1.46 -4.65
CA CYS A 14 -5.08 2.90 -4.47
C CYS A 14 -6.55 3.28 -4.28
N ASP A 15 -6.78 4.53 -3.90
CA ASP A 15 -8.14 5.03 -3.69
C ASP A 15 -8.51 6.07 -4.73
N THR A 16 -7.52 6.84 -5.17
CA THR A 16 -7.74 7.88 -6.16
C THR A 16 -7.87 7.28 -7.56
N CYS A 17 -6.80 6.63 -8.03
CA CYS A 17 -6.80 6.01 -9.34
C CYS A 17 -7.22 4.54 -9.26
N LEU A 18 -7.10 3.97 -8.07
CA LEU A 18 -7.48 2.57 -7.86
C LEU A 18 -6.55 1.64 -8.64
N VAL A 19 -5.26 1.89 -8.56
CA VAL A 19 -4.27 1.07 -9.26
C VAL A 19 -3.58 0.11 -8.30
N GLN A 20 -3.04 -0.98 -8.84
CA GLN A 20 -2.36 -1.97 -8.03
C GLN A 20 -0.85 -1.72 -8.03
N ASN A 21 -0.34 -1.26 -6.89
CA ASN A 21 1.08 -0.98 -6.75
C ASN A 21 1.75 -1.98 -5.83
N LYS A 22 3.08 -2.00 -5.83
CA LYS A 22 3.84 -2.91 -4.98
C LYS A 22 3.86 -2.43 -3.53
N PRO A 23 3.95 -3.38 -2.60
CA PRO A 23 3.98 -3.06 -1.16
C PRO A 23 5.28 -2.39 -0.74
N GLU A 24 6.25 -2.36 -1.64
CA GLU A 24 7.54 -1.74 -1.37
C GLU A 24 7.48 -0.23 -1.62
N ALA A 25 6.82 0.16 -2.70
CA ALA A 25 6.69 1.57 -3.05
C ALA A 25 5.90 2.32 -1.99
N ILE A 26 6.30 3.57 -1.74
CA ILE A 26 5.62 4.40 -0.75
C ILE A 26 4.50 5.21 -1.39
N LYS A 27 4.71 5.61 -2.64
CA LYS A 27 3.71 6.39 -3.37
C LYS A 27 3.17 5.61 -4.56
N CYS A 28 2.22 6.21 -5.27
CA CYS A 28 1.62 5.58 -6.43
C CYS A 28 2.45 5.82 -7.69
N VAL A 29 2.12 5.10 -8.76
CA VAL A 29 2.84 5.24 -10.01
C VAL A 29 1.96 5.91 -11.08
N ALA A 30 0.65 5.72 -10.95
CA ALA A 30 -0.30 6.31 -11.89
C ALA A 30 -0.65 7.73 -11.50
N CYS A 31 -1.27 7.88 -10.34
CA CYS A 31 -1.67 9.20 -9.84
C CYS A 31 -0.54 9.86 -9.07
N GLU A 32 0.47 9.06 -8.72
CA GLU A 32 1.62 9.56 -7.98
C GLU A 32 1.18 10.11 -6.63
N THR A 33 0.22 9.44 -5.99
CA THR A 33 -0.28 9.86 -4.69
C THR A 33 0.37 9.07 -3.56
N PRO A 34 0.73 9.76 -2.48
CA PRO A 34 1.36 9.14 -1.31
C PRO A 34 0.40 8.25 -0.54
N LYS A 35 0.88 7.08 -0.12
CA LYS A 35 0.07 6.14 0.63
C LYS A 35 -0.58 6.81 1.83
N PRO A 36 -1.85 6.47 2.09
CA PRO A 36 -2.59 7.03 3.22
C PRO A 36 -2.09 6.54 4.57
N GLY A 37 -2.63 7.09 5.65
CA GLY A 37 -2.22 6.68 6.98
C GLY A 37 -1.69 7.85 7.79
N THR A 38 -2.37 8.98 7.73
CA THR A 38 -1.97 10.17 8.47
C THR A 38 -1.50 9.81 9.87
N CYS A 39 -2.22 8.92 10.53
CA CYS A 39 -1.87 8.49 11.88
C CYS A 39 -1.07 7.20 11.85
N VAL A 40 -0.59 6.78 13.02
CA VAL A 40 0.20 5.56 13.13
C VAL A 40 -0.61 4.34 12.69
N LYS A 41 -1.87 4.29 13.10
CA LYS A 41 -2.76 3.18 12.76
C LYS A 41 -4.21 3.57 12.95
N ARG A 42 -5.11 2.83 12.30
CA ARG A 42 -6.54 3.09 12.41
C ARG A 42 -7.19 2.17 13.44
N ALA A 43 -6.73 0.92 13.48
CA ALA A 43 -7.26 -0.05 14.42
C ALA A 43 -6.70 0.18 15.82
N LEU A 44 -5.40 0.41 15.90
CA LEU A 44 -4.74 0.64 17.19
C LEU A 44 -4.89 -0.58 18.11
N THR A 45 -4.67 -1.76 17.55
CA THR A 45 -4.78 -2.99 18.31
C THR A 45 -3.54 -3.87 18.13
N LEU A 46 -3.43 -4.90 18.95
CA LEU A 46 -2.29 -5.81 18.88
C LEU A 46 -2.71 -7.16 18.28
N THR A 47 -2.33 -7.38 17.03
CA THR A 47 -2.66 -8.62 16.35
C THR A 47 -1.97 -9.81 17.00
ZN ZN B . -3.03 5.95 -7.38
N GLY A 1 0.49 -17.69 5.32
CA GLY A 1 1.78 -18.29 5.04
C GLY A 1 2.62 -17.46 4.10
N SER A 2 3.68 -16.84 4.62
CA SER A 2 4.56 -16.01 3.81
C SER A 2 5.58 -16.86 3.06
N SER A 3 5.32 -18.17 3.00
CA SER A 3 6.22 -19.10 2.32
C SER A 3 5.90 -19.17 0.83
N GLY A 4 6.78 -18.58 0.02
CA GLY A 4 6.58 -18.59 -1.42
C GLY A 4 5.76 -17.41 -1.90
N SER A 5 4.50 -17.65 -2.24
CA SER A 5 3.62 -16.60 -2.72
C SER A 5 2.52 -16.30 -1.70
N SER A 6 2.37 -15.02 -1.36
CA SER A 6 1.36 -14.60 -0.39
C SER A 6 -0.03 -14.65 -1.00
N GLY A 7 -0.16 -14.14 -2.22
CA GLY A 7 -1.44 -14.13 -2.89
C GLY A 7 -1.89 -12.73 -3.26
N VAL A 8 -0.97 -11.93 -3.78
CA VAL A 8 -1.28 -10.56 -4.17
C VAL A 8 -1.86 -9.77 -3.00
N ILE A 9 -1.42 -10.10 -1.79
CA ILE A 9 -1.89 -9.42 -0.59
C ILE A 9 -1.01 -8.22 -0.25
N GLY A 10 0.30 -8.40 -0.40
CA GLY A 10 1.22 -7.32 -0.11
C GLY A 10 0.87 -6.04 -0.84
N THR A 11 0.40 -6.17 -2.08
CA THR A 11 0.04 -5.01 -2.89
C THR A 11 -1.18 -4.31 -2.30
N TRP A 12 -1.20 -2.98 -2.43
CA TRP A 12 -2.31 -2.18 -1.92
C TRP A 12 -3.04 -1.46 -3.05
N ASP A 13 -4.35 -1.58 -3.07
CA ASP A 13 -5.17 -0.94 -4.10
C ASP A 13 -5.35 0.55 -3.80
N CYS A 14 -4.99 1.39 -4.76
CA CYS A 14 -5.11 2.83 -4.60
C CYS A 14 -6.57 3.24 -4.48
N ASP A 15 -6.81 4.48 -4.05
CA ASP A 15 -8.16 4.99 -3.89
C ASP A 15 -8.47 6.03 -4.95
N THR A 16 -7.45 6.79 -5.36
CA THR A 16 -7.62 7.82 -6.38
C THR A 16 -7.78 7.22 -7.76
N CYS A 17 -6.74 6.52 -8.21
CA CYS A 17 -6.77 5.89 -9.54
C CYS A 17 -7.18 4.43 -9.43
N LEU A 18 -6.99 3.85 -8.25
CA LEU A 18 -7.34 2.45 -8.00
C LEU A 18 -6.44 1.52 -8.80
N VAL A 19 -5.14 1.83 -8.82
CA VAL A 19 -4.17 1.02 -9.53
C VAL A 19 -3.43 0.08 -8.58
N GLN A 20 -3.04 -1.08 -9.09
CA GLN A 20 -2.33 -2.07 -8.29
C GLN A 20 -0.94 -1.56 -7.91
N ASN A 21 -0.79 -1.17 -6.64
CA ASN A 21 0.49 -0.66 -6.16
C ASN A 21 1.30 -1.78 -5.49
N LYS A 22 2.59 -1.54 -5.32
CA LYS A 22 3.48 -2.52 -4.70
C LYS A 22 3.70 -2.19 -3.23
N PRO A 23 3.95 -3.22 -2.42
CA PRO A 23 4.19 -3.06 -0.98
C PRO A 23 5.53 -2.39 -0.70
N GLU A 24 6.41 -2.37 -1.70
CA GLU A 24 7.72 -1.75 -1.55
C GLU A 24 7.67 -0.26 -1.88
N ALA A 25 6.82 0.10 -2.83
CA ALA A 25 6.67 1.50 -3.23
C ALA A 25 6.05 2.33 -2.12
N ILE A 26 6.54 3.55 -1.95
CA ILE A 26 6.02 4.44 -0.92
C ILE A 26 4.80 5.22 -1.41
N LYS A 27 4.80 5.53 -2.71
CA LYS A 27 3.70 6.27 -3.32
C LYS A 27 3.17 5.53 -4.55
N CYS A 28 2.12 6.08 -5.16
CA CYS A 28 1.52 5.49 -6.34
C CYS A 28 2.36 5.78 -7.58
N VAL A 29 1.99 5.17 -8.70
CA VAL A 29 2.71 5.38 -9.95
C VAL A 29 1.81 6.01 -11.01
N ALA A 30 0.51 5.73 -10.92
CA ALA A 30 -0.45 6.27 -11.87
C ALA A 30 -0.82 7.71 -11.50
N CYS A 31 -1.28 7.91 -10.27
CA CYS A 31 -1.67 9.23 -9.79
C CYS A 31 -0.53 9.88 -9.02
N GLU A 32 0.45 9.07 -8.63
CA GLU A 32 1.60 9.58 -7.87
C GLU A 32 1.15 10.13 -6.52
N THR A 33 0.19 9.46 -5.89
CA THR A 33 -0.32 9.88 -4.60
C THR A 33 0.38 9.15 -3.47
N PRO A 34 0.67 9.87 -2.37
CA PRO A 34 1.33 9.30 -1.19
C PRO A 34 0.43 8.33 -0.43
N LYS A 35 1.00 7.19 -0.05
CA LYS A 35 0.26 6.18 0.70
C LYS A 35 -0.29 6.74 2.00
N PRO A 36 -1.56 6.42 2.29
CA PRO A 36 -2.23 6.89 3.52
C PRO A 36 -1.66 6.24 4.77
N GLY A 37 -1.30 4.96 4.67
CA GLY A 37 -0.75 4.26 5.80
C GLY A 37 -1.73 3.25 6.39
N THR A 38 -1.79 2.07 5.80
CA THR A 38 -2.70 1.03 6.26
C THR A 38 -2.04 0.17 7.34
N CYS A 39 -0.88 -0.39 7.01
CA CYS A 39 -0.15 -1.24 7.96
C CYS A 39 0.37 -0.41 9.13
N VAL A 40 0.68 -1.09 10.23
CA VAL A 40 1.18 -0.42 11.42
C VAL A 40 2.50 0.30 11.13
N LYS A 41 2.55 1.59 11.46
CA LYS A 41 3.74 2.39 11.24
C LYS A 41 4.77 2.15 12.34
N ARG A 42 4.34 2.30 13.58
CA ARG A 42 5.22 2.10 14.74
C ARG A 42 5.82 0.69 14.72
N ALA A 43 7.15 0.62 14.75
CA ALA A 43 7.84 -0.66 14.74
C ALA A 43 8.14 -1.13 16.16
N LEU A 44 8.73 -0.23 16.96
CA LEU A 44 9.07 -0.55 18.33
C LEU A 44 7.98 -1.41 18.99
N THR A 45 6.72 -1.02 18.77
CA THR A 45 5.60 -1.75 19.34
C THR A 45 5.40 -3.08 18.63
N LEU A 46 4.52 -3.91 19.19
CA LEU A 46 4.23 -5.22 18.61
C LEU A 46 2.77 -5.60 18.82
N THR A 47 2.14 -6.12 17.77
CA THR A 47 0.74 -6.52 17.84
C THR A 47 0.60 -7.85 18.57
ZN ZN B . -3.11 5.91 -7.51
N GLY A 1 15.87 -20.80 -11.90
CA GLY A 1 15.14 -20.94 -10.66
C GLY A 1 14.95 -19.62 -9.94
N SER A 2 14.61 -18.58 -10.70
CA SER A 2 14.40 -17.26 -10.12
C SER A 2 13.33 -17.30 -9.04
N SER A 3 13.61 -16.66 -7.91
CA SER A 3 12.67 -16.62 -6.80
C SER A 3 11.40 -15.88 -7.18
N GLY A 4 10.29 -16.63 -7.27
CA GLY A 4 9.03 -16.04 -7.63
C GLY A 4 8.52 -15.07 -6.59
N SER A 5 7.91 -15.60 -5.53
CA SER A 5 7.37 -14.78 -4.46
C SER A 5 6.46 -13.69 -5.02
N SER A 6 5.66 -14.04 -6.02
CA SER A 6 4.74 -13.09 -6.64
C SER A 6 3.31 -13.35 -6.19
N GLY A 7 2.48 -12.33 -6.28
CA GLY A 7 1.08 -12.46 -5.87
C GLY A 7 0.46 -11.12 -5.52
N VAL A 8 -0.86 -11.10 -5.39
CA VAL A 8 -1.59 -9.89 -5.05
C VAL A 8 -1.61 -9.68 -3.53
N ILE A 9 -0.73 -10.38 -2.83
CA ILE A 9 -0.64 -10.26 -1.38
C ILE A 9 0.39 -9.22 -0.97
N GLY A 10 -0.04 -8.25 -0.16
CA GLY A 10 0.87 -7.22 0.30
C GLY A 10 0.60 -5.88 -0.38
N THR A 11 0.31 -5.93 -1.68
CA THR A 11 0.04 -4.73 -2.45
C THR A 11 -1.17 -3.98 -1.89
N TRP A 12 -1.15 -2.65 -1.99
CA TRP A 12 -2.25 -1.83 -1.51
C TRP A 12 -2.99 -1.18 -2.67
N ASP A 13 -4.29 -1.42 -2.74
CA ASP A 13 -5.12 -0.85 -3.80
C ASP A 13 -5.29 0.65 -3.61
N CYS A 14 -5.24 1.39 -4.72
CA CYS A 14 -5.38 2.84 -4.68
C CYS A 14 -6.85 3.24 -4.62
N ASP A 15 -7.11 4.48 -4.21
CA ASP A 15 -8.47 4.99 -4.11
C ASP A 15 -8.75 6.02 -5.19
N THR A 16 -7.74 6.83 -5.51
CA THR A 16 -7.86 7.87 -6.52
C THR A 16 -7.92 7.27 -7.92
N CYS A 17 -6.83 6.60 -8.32
CA CYS A 17 -6.76 5.98 -9.64
C CYS A 17 -7.21 4.53 -9.57
N LEU A 18 -7.16 3.94 -8.38
CA LEU A 18 -7.57 2.55 -8.18
C LEU A 18 -6.66 1.61 -8.96
N VAL A 19 -5.35 1.81 -8.82
CA VAL A 19 -4.38 0.96 -9.52
C VAL A 19 -3.50 0.21 -8.52
N GLN A 20 -3.18 -1.04 -8.85
CA GLN A 20 -2.35 -1.86 -7.99
C GLN A 20 -0.92 -1.32 -7.92
N ASN A 21 -0.34 -1.33 -6.73
CA ASN A 21 1.01 -0.83 -6.53
C ASN A 21 1.80 -1.76 -5.61
N LYS A 22 3.13 -1.75 -5.76
CA LYS A 22 4.00 -2.58 -4.94
C LYS A 22 3.85 -2.26 -3.47
N PRO A 23 3.98 -3.29 -2.62
CA PRO A 23 3.87 -3.13 -1.17
C PRO A 23 5.03 -2.35 -0.57
N GLU A 24 6.09 -2.18 -1.36
CA GLU A 24 7.27 -1.45 -0.91
C GLU A 24 7.20 0.01 -1.30
N ALA A 25 6.61 0.28 -2.47
CA ALA A 25 6.47 1.64 -2.96
C ALA A 25 5.75 2.52 -1.94
N ILE A 26 6.24 3.75 -1.77
CA ILE A 26 5.64 4.69 -0.83
C ILE A 26 4.49 5.45 -1.47
N LYS A 27 4.63 5.77 -2.75
CA LYS A 27 3.60 6.50 -3.48
C LYS A 27 3.13 5.70 -4.69
N CYS A 28 2.14 6.24 -5.40
CA CYS A 28 1.60 5.58 -6.57
C CYS A 28 2.43 5.90 -7.81
N VAL A 29 2.14 5.22 -8.91
CA VAL A 29 2.86 5.43 -10.17
C VAL A 29 1.99 6.16 -11.18
N ALA A 30 0.69 5.89 -11.15
CA ALA A 30 -0.25 6.52 -12.06
C ALA A 30 -0.65 7.91 -11.56
N CYS A 31 -1.27 7.95 -10.39
CA CYS A 31 -1.71 9.22 -9.80
C CYS A 31 -0.59 9.86 -8.98
N GLU A 32 0.41 9.04 -8.63
CA GLU A 32 1.54 9.53 -7.84
C GLU A 32 1.08 9.99 -6.46
N THR A 33 0.20 9.21 -5.85
CA THR A 33 -0.32 9.53 -4.53
C THR A 33 0.43 8.77 -3.44
N PRO A 34 0.83 9.49 -2.37
CA PRO A 34 1.55 8.90 -1.25
C PRO A 34 0.68 7.97 -0.42
N LYS A 35 1.02 6.68 -0.43
CA LYS A 35 0.27 5.67 0.32
C LYS A 35 0.17 6.07 1.79
N PRO A 36 -0.99 5.81 2.40
CA PRO A 36 -1.24 6.12 3.81
C PRO A 36 -0.44 5.23 4.75
N GLY A 37 -0.43 3.93 4.46
CA GLY A 37 0.30 3.00 5.29
C GLY A 37 -0.53 2.47 6.45
N THR A 38 -1.75 2.03 6.15
CA THR A 38 -2.65 1.51 7.17
C THR A 38 -2.05 0.28 7.85
N CYS A 39 -1.90 0.36 9.17
CA CYS A 39 -1.34 -0.74 9.94
C CYS A 39 -2.18 -1.02 11.19
N VAL A 40 -2.66 -2.25 11.30
CA VAL A 40 -3.48 -2.64 12.45
C VAL A 40 -2.68 -2.58 13.75
N LYS A 41 -3.34 -2.16 14.82
CA LYS A 41 -2.68 -2.06 16.12
C LYS A 41 -3.12 -3.20 17.04
N ARG A 42 -2.26 -3.54 18.00
CA ARG A 42 -2.55 -4.61 18.93
C ARG A 42 -3.54 -4.15 20.01
N ALA A 43 -4.14 -5.11 20.70
CA ALA A 43 -5.10 -4.79 21.75
C ALA A 43 -4.45 -4.90 23.13
N LEU A 44 -5.23 -4.57 24.16
CA LEU A 44 -4.73 -4.62 25.53
C LEU A 44 -5.88 -4.74 26.52
N THR A 45 -5.75 -5.67 27.47
CA THR A 45 -6.77 -5.88 28.48
C THR A 45 -6.16 -6.19 29.84
N LEU A 46 -6.76 -5.66 30.89
CA LEU A 46 -6.27 -5.89 32.25
C LEU A 46 -6.58 -7.31 32.72
N THR A 47 -7.86 -7.62 32.81
CA THR A 47 -8.29 -8.95 33.24
C THR A 47 -7.53 -10.05 32.49
ZN ZN B . -2.97 5.72 -7.60
N GLY A 1 -8.97 -20.41 -5.03
CA GLY A 1 -8.85 -19.38 -4.00
C GLY A 1 -7.41 -19.19 -3.56
N SER A 2 -7.15 -18.08 -2.87
CA SER A 2 -5.81 -17.77 -2.40
C SER A 2 -5.57 -18.36 -1.01
N SER A 3 -4.32 -18.64 -0.69
CA SER A 3 -3.96 -19.22 0.60
C SER A 3 -4.69 -18.50 1.73
N GLY A 4 -4.47 -17.20 1.85
CA GLY A 4 -5.12 -16.42 2.88
C GLY A 4 -4.25 -15.28 3.36
N SER A 5 -4.39 -14.94 4.65
CA SER A 5 -3.63 -13.84 5.23
C SER A 5 -2.65 -14.36 6.27
N SER A 6 -1.35 -14.29 5.96
CA SER A 6 -0.31 -14.76 6.86
C SER A 6 -0.09 -13.75 7.99
N GLY A 7 0.11 -12.49 7.62
CA GLY A 7 0.33 -11.46 8.62
C GLY A 7 0.06 -10.06 8.08
N VAL A 8 0.80 -9.67 7.04
CA VAL A 8 0.63 -8.36 6.44
C VAL A 8 0.25 -8.48 4.97
N ILE A 9 -0.29 -7.40 4.42
CA ILE A 9 -0.70 -7.39 3.02
C ILE A 9 0.43 -6.86 2.13
N GLY A 10 0.55 -7.43 0.94
CA GLY A 10 1.58 -7.00 0.01
C GLY A 10 1.16 -5.81 -0.83
N THR A 11 0.50 -6.08 -1.95
CA THR A 11 0.04 -5.02 -2.84
C THR A 11 -1.14 -4.28 -2.24
N TRP A 12 -1.12 -2.95 -2.36
CA TRP A 12 -2.20 -2.12 -1.82
C TRP A 12 -2.91 -1.36 -2.94
N ASP A 13 -4.22 -1.50 -3.01
CA ASP A 13 -5.02 -0.83 -4.03
C ASP A 13 -5.13 0.67 -3.73
N CYS A 14 -4.82 1.49 -4.73
CA CYS A 14 -4.88 2.93 -4.58
C CYS A 14 -6.31 3.39 -4.29
N ASP A 15 -6.45 4.65 -3.87
CA ASP A 15 -7.76 5.20 -3.56
C ASP A 15 -8.19 6.22 -4.61
N THR A 16 -7.21 6.92 -5.18
CA THR A 16 -7.48 7.92 -6.21
C THR A 16 -7.76 7.26 -7.55
N CYS A 17 -6.74 6.63 -8.12
CA CYS A 17 -6.88 5.96 -9.41
C CYS A 17 -7.28 4.51 -9.23
N LEU A 18 -7.01 3.96 -8.04
CA LEU A 18 -7.35 2.57 -7.73
C LEU A 18 -6.50 1.61 -8.56
N VAL A 19 -5.22 1.95 -8.72
CA VAL A 19 -4.30 1.11 -9.48
C VAL A 19 -3.46 0.24 -8.56
N GLN A 20 -3.16 -0.97 -9.01
CA GLN A 20 -2.36 -1.91 -8.23
C GLN A 20 -0.96 -1.35 -8.00
N ASN A 21 -0.62 -1.12 -6.73
CA ASN A 21 0.69 -0.59 -6.37
C ASN A 21 1.58 -1.68 -5.79
N LYS A 22 2.87 -1.40 -5.71
CA LYS A 22 3.83 -2.36 -5.17
C LYS A 22 3.95 -2.24 -3.66
N PRO A 23 4.25 -3.37 -3.00
CA PRO A 23 4.40 -3.40 -1.53
C PRO A 23 5.64 -2.67 -1.06
N GLU A 24 6.61 -2.51 -1.95
CA GLU A 24 7.86 -1.83 -1.61
C GLU A 24 7.82 -0.38 -2.10
N ALA A 25 6.62 0.11 -2.40
CA ALA A 25 6.45 1.48 -2.86
C ALA A 25 5.75 2.34 -1.81
N ILE A 26 6.19 3.59 -1.68
CA ILE A 26 5.60 4.51 -0.71
C ILE A 26 4.45 5.29 -1.33
N LYS A 27 4.52 5.51 -2.64
CA LYS A 27 3.48 6.24 -3.36
C LYS A 27 3.00 5.46 -4.57
N CYS A 28 1.98 5.98 -5.23
CA CYS A 28 1.42 5.33 -6.42
C CYS A 28 2.32 5.56 -7.63
N VAL A 29 2.02 4.84 -8.71
CA VAL A 29 2.79 4.96 -9.94
C VAL A 29 1.99 5.65 -11.03
N ALA A 30 0.67 5.53 -10.96
CA ALA A 30 -0.21 6.14 -11.95
C ALA A 30 -0.50 7.60 -11.58
N CYS A 31 -1.18 7.80 -10.47
CA CYS A 31 -1.53 9.14 -10.01
C CYS A 31 -0.40 9.73 -9.16
N GLU A 32 0.49 8.87 -8.69
CA GLU A 32 1.62 9.30 -7.87
C GLU A 32 1.13 9.90 -6.56
N THR A 33 0.10 9.28 -5.98
CA THR A 33 -0.45 9.75 -4.72
C THR A 33 0.19 9.06 -3.53
N PRO A 34 0.44 9.82 -2.45
CA PRO A 34 1.06 9.29 -1.23
C PRO A 34 0.15 8.35 -0.47
N LYS A 35 0.72 7.26 0.03
CA LYS A 35 -0.05 6.27 0.78
C LYS A 35 -0.69 6.90 2.01
N PRO A 36 -1.96 6.52 2.29
CA PRO A 36 -2.70 7.04 3.43
C PRO A 36 -2.16 6.52 4.75
N GLY A 37 -1.04 5.81 4.70
CA GLY A 37 -0.44 5.26 5.90
C GLY A 37 0.52 6.23 6.55
N THR A 38 1.67 5.73 6.98
CA THR A 38 2.68 6.57 7.63
C THR A 38 3.22 7.61 6.68
N CYS A 39 3.66 8.74 7.23
CA CYS A 39 4.21 9.83 6.43
C CYS A 39 5.31 9.31 5.50
N VAL A 40 5.29 9.78 4.26
CA VAL A 40 6.30 9.37 3.28
C VAL A 40 6.77 10.56 2.45
N LYS A 41 8.03 10.51 2.02
CA LYS A 41 8.60 11.58 1.21
C LYS A 41 7.83 11.75 -0.10
N ARG A 42 7.68 13.00 -0.52
CA ARG A 42 6.96 13.32 -1.75
C ARG A 42 7.91 13.31 -2.95
N ALA A 43 9.08 13.90 -2.76
CA ALA A 43 10.08 13.96 -3.83
C ALA A 43 11.44 13.52 -3.33
N LEU A 44 12.09 12.64 -4.08
CA LEU A 44 13.42 12.13 -3.71
C LEU A 44 14.29 11.95 -4.94
N THR A 45 15.60 12.13 -4.77
CA THR A 45 16.54 11.97 -5.87
C THR A 45 17.82 11.28 -5.40
N LEU A 46 18.25 10.29 -6.17
CA LEU A 46 19.47 9.54 -5.84
C LEU A 46 20.31 9.30 -7.08
N THR A 47 21.53 9.81 -7.07
CA THR A 47 22.44 9.65 -8.21
C THR A 47 23.47 8.55 -7.93
ZN ZN B . -3.05 5.93 -7.71
N GLY A 1 -13.97 -12.03 1.28
CA GLY A 1 -13.18 -11.30 0.30
C GLY A 1 -12.45 -12.23 -0.66
N SER A 2 -11.29 -11.78 -1.13
CA SER A 2 -10.51 -12.56 -2.07
C SER A 2 -9.52 -13.46 -1.33
N SER A 3 -9.03 -14.49 -2.01
CA SER A 3 -8.08 -15.43 -1.41
C SER A 3 -6.65 -15.04 -1.75
N GLY A 4 -6.40 -14.79 -3.03
CA GLY A 4 -5.06 -14.40 -3.46
C GLY A 4 -4.32 -15.55 -4.11
N SER A 5 -3.93 -15.36 -5.37
CA SER A 5 -3.20 -16.40 -6.11
C SER A 5 -1.94 -16.80 -5.36
N SER A 6 -1.04 -15.85 -5.16
CA SER A 6 0.21 -16.11 -4.46
C SER A 6 -0.05 -16.71 -3.09
N GLY A 7 -0.94 -16.08 -2.32
CA GLY A 7 -1.26 -16.58 -1.00
C GLY A 7 -1.56 -15.45 -0.02
N VAL A 8 -0.52 -14.96 0.64
CA VAL A 8 -0.67 -13.88 1.61
C VAL A 8 -0.81 -12.53 0.92
N ILE A 9 -1.58 -11.64 1.51
CA ILE A 9 -1.78 -10.31 0.95
C ILE A 9 -0.57 -9.41 1.18
N GLY A 10 -0.24 -8.61 0.17
CA GLY A 10 0.90 -7.71 0.29
C GLY A 10 0.67 -6.39 -0.42
N THR A 11 0.27 -6.46 -1.69
CA THR A 11 0.02 -5.26 -2.47
C THR A 11 -1.03 -4.38 -1.82
N TRP A 12 -1.16 -3.16 -2.31
CA TRP A 12 -2.14 -2.22 -1.77
C TRP A 12 -2.78 -1.39 -2.89
N ASP A 13 -4.08 -1.57 -3.08
CA ASP A 13 -4.81 -0.84 -4.11
C ASP A 13 -4.90 0.64 -3.77
N CYS A 14 -5.06 1.47 -4.79
CA CYS A 14 -5.16 2.91 -4.61
C CYS A 14 -6.61 3.33 -4.40
N ASP A 15 -6.80 4.57 -3.95
CA ASP A 15 -8.14 5.11 -3.72
C ASP A 15 -8.54 6.08 -4.82
N THR A 16 -7.58 6.87 -5.28
CA THR A 16 -7.84 7.84 -6.33
C THR A 16 -7.93 7.18 -7.71
N CYS A 17 -6.80 6.66 -8.17
CA CYS A 17 -6.75 5.99 -9.47
C CYS A 17 -7.20 4.54 -9.34
N LEU A 18 -7.14 4.01 -8.13
CA LEU A 18 -7.54 2.63 -7.87
C LEU A 18 -6.69 1.65 -8.68
N VAL A 19 -5.38 1.89 -8.70
CA VAL A 19 -4.47 1.04 -9.43
C VAL A 19 -3.54 0.28 -8.48
N GLN A 20 -3.43 -1.03 -8.69
CA GLN A 20 -2.58 -1.88 -7.85
C GLN A 20 -1.13 -1.42 -7.93
N ASN A 21 -0.46 -1.42 -6.77
CA ASN A 21 0.94 -1.02 -6.71
C ASN A 21 1.74 -1.93 -5.78
N LYS A 22 3.04 -1.98 -5.99
CA LYS A 22 3.91 -2.82 -5.17
C LYS A 22 3.90 -2.36 -3.72
N PRO A 23 4.10 -3.30 -2.79
CA PRO A 23 4.12 -3.01 -1.35
C PRO A 23 5.36 -2.21 -0.95
N GLU A 24 6.43 -2.33 -1.73
CA GLU A 24 7.67 -1.62 -1.44
C GLU A 24 7.51 -0.13 -1.72
N ALA A 25 6.86 0.20 -2.84
CA ALA A 25 6.65 1.58 -3.22
C ALA A 25 5.86 2.33 -2.15
N ILE A 26 6.36 3.51 -1.77
CA ILE A 26 5.70 4.32 -0.75
C ILE A 26 4.52 5.08 -1.34
N LYS A 27 4.69 5.54 -2.58
CA LYS A 27 3.63 6.28 -3.27
C LYS A 27 3.15 5.54 -4.50
N CYS A 28 2.16 6.11 -5.18
CA CYS A 28 1.60 5.50 -6.38
C CYS A 28 2.48 5.79 -7.59
N VAL A 29 2.18 5.13 -8.71
CA VAL A 29 2.95 5.31 -9.94
C VAL A 29 2.10 5.99 -11.01
N ALA A 30 0.80 5.73 -10.98
CA ALA A 30 -0.11 6.32 -11.95
C ALA A 30 -0.49 7.74 -11.54
N CYS A 31 -1.19 7.87 -10.42
CA CYS A 31 -1.61 9.17 -9.93
C CYS A 31 -0.50 9.84 -9.12
N GLU A 32 0.47 9.04 -8.69
CA GLU A 32 1.60 9.56 -7.91
C GLU A 32 1.11 10.14 -6.58
N THR A 33 0.25 9.40 -5.90
CA THR A 33 -0.28 9.85 -4.62
C THR A 33 0.36 9.08 -3.46
N PRO A 34 0.68 9.81 -2.38
CA PRO A 34 1.29 9.23 -1.18
C PRO A 34 0.34 8.32 -0.42
N LYS A 35 0.80 7.11 -0.11
CA LYS A 35 -0.02 6.15 0.62
C LYS A 35 -0.55 6.76 1.93
N PRO A 36 -1.83 6.51 2.21
CA PRO A 36 -2.48 7.02 3.42
C PRO A 36 -1.96 6.35 4.69
N GLY A 37 -1.20 5.28 4.52
CA GLY A 37 -0.64 4.56 5.65
C GLY A 37 0.59 5.23 6.21
N THR A 38 0.50 6.53 6.48
CA THR A 38 1.63 7.29 7.02
C THR A 38 1.40 7.63 8.49
N CYS A 39 2.32 7.19 9.34
CA CYS A 39 2.22 7.45 10.77
C CYS A 39 2.86 8.79 11.13
N VAL A 40 4.02 9.06 10.52
CA VAL A 40 4.72 10.31 10.78
C VAL A 40 3.83 11.52 10.50
N LYS A 41 3.92 12.52 11.38
CA LYS A 41 3.13 13.74 11.23
C LYS A 41 3.98 14.89 10.72
N ARG A 42 5.26 14.87 11.06
CA ARG A 42 6.18 15.92 10.64
C ARG A 42 6.58 15.73 9.18
N ALA A 43 7.05 16.81 8.55
CA ALA A 43 7.46 16.76 7.16
C ALA A 43 8.96 16.52 7.04
N LEU A 44 9.32 15.34 6.52
CA LEU A 44 10.73 14.98 6.36
C LEU A 44 10.88 13.81 5.41
N THR A 45 12.05 13.70 4.78
CA THR A 45 12.32 12.62 3.84
C THR A 45 13.66 11.96 4.14
N LEU A 46 13.86 10.77 3.59
CA LEU A 46 15.11 10.04 3.79
C LEU A 46 15.87 9.87 2.48
N THR A 47 17.14 9.48 2.57
CA THR A 47 17.97 9.28 1.39
C THR A 47 17.39 8.20 0.49
ZN ZN B . -2.96 5.90 -7.46
N GLY A 1 18.63 -3.38 1.91
CA GLY A 1 19.04 -4.36 0.92
C GLY A 1 17.91 -5.27 0.49
N SER A 2 18.25 -6.37 -0.16
CA SER A 2 17.25 -7.33 -0.63
C SER A 2 16.71 -8.15 0.53
N SER A 3 15.43 -7.94 0.84
CA SER A 3 14.79 -8.65 1.93
C SER A 3 13.37 -9.08 1.54
N GLY A 4 13.15 -10.40 1.48
CA GLY A 4 11.84 -10.91 1.11
C GLY A 4 11.84 -12.42 0.96
N SER A 5 12.50 -13.11 1.88
CA SER A 5 12.57 -14.57 1.83
C SER A 5 11.20 -15.17 1.60
N SER A 6 10.27 -14.89 2.51
CA SER A 6 8.91 -15.42 2.41
C SER A 6 8.15 -14.71 1.29
N GLY A 7 7.56 -15.51 0.39
CA GLY A 7 6.80 -14.95 -0.71
C GLY A 7 5.40 -14.56 -0.30
N VAL A 8 5.26 -13.36 0.25
CA VAL A 8 3.95 -12.86 0.68
C VAL A 8 3.54 -11.63 -0.13
N ILE A 9 2.25 -11.53 -0.40
CA ILE A 9 1.72 -10.40 -1.16
C ILE A 9 1.20 -9.30 -0.23
N GLY A 10 1.73 -8.10 -0.39
CA GLY A 10 1.31 -6.98 0.44
C GLY A 10 1.00 -5.74 -0.37
N THR A 11 0.40 -5.94 -1.54
CA THR A 11 0.05 -4.83 -2.42
C THR A 11 -1.12 -4.02 -1.85
N TRP A 12 -1.04 -2.71 -1.97
CA TRP A 12 -2.09 -1.82 -1.47
C TRP A 12 -2.88 -1.20 -2.62
N ASP A 13 -4.18 -1.42 -2.63
CA ASP A 13 -5.04 -0.87 -3.68
C ASP A 13 -5.18 0.64 -3.52
N CYS A 14 -5.19 1.34 -4.65
CA CYS A 14 -5.31 2.79 -4.66
C CYS A 14 -6.78 3.21 -4.71
N ASP A 15 -7.04 4.47 -4.37
CA ASP A 15 -8.40 5.00 -4.38
C ASP A 15 -8.55 6.10 -5.43
N THR A 16 -7.46 6.83 -5.66
CA THR A 16 -7.47 7.92 -6.64
C THR A 16 -7.64 7.38 -8.05
N CYS A 17 -6.68 6.56 -8.48
CA CYS A 17 -6.72 5.98 -9.82
C CYS A 17 -7.24 4.55 -9.77
N LEU A 18 -7.28 3.98 -8.58
CA LEU A 18 -7.76 2.62 -8.39
C LEU A 18 -6.85 1.61 -9.11
N VAL A 19 -5.55 1.87 -9.06
CA VAL A 19 -4.57 1.00 -9.70
C VAL A 19 -3.70 0.30 -8.66
N GLN A 20 -3.44 -0.98 -8.88
CA GLN A 20 -2.60 -1.75 -7.96
C GLN A 20 -1.24 -1.10 -7.78
N ASN A 21 -0.66 -1.24 -6.59
CA ASN A 21 0.64 -0.67 -6.29
C ASN A 21 1.52 -1.67 -5.55
N LYS A 22 2.83 -1.53 -5.71
CA LYS A 22 3.79 -2.43 -5.06
C LYS A 22 3.89 -2.11 -3.57
N PRO A 23 4.17 -3.16 -2.76
CA PRO A 23 4.30 -3.01 -1.31
C PRO A 23 5.56 -2.24 -0.92
N GLU A 24 6.55 -2.25 -1.79
CA GLU A 24 7.81 -1.55 -1.54
C GLU A 24 7.66 -0.06 -1.82
N ALA A 25 6.86 0.27 -2.82
CA ALA A 25 6.63 1.67 -3.19
C ALA A 25 5.88 2.41 -2.09
N ILE A 26 6.26 3.66 -1.87
CA ILE A 26 5.63 4.48 -0.84
C ILE A 26 4.42 5.22 -1.41
N LYS A 27 4.50 5.59 -2.69
CA LYS A 27 3.41 6.30 -3.35
C LYS A 27 3.05 5.63 -4.67
N CYS A 28 1.81 5.83 -5.11
CA CYS A 28 1.35 5.25 -6.36
C CYS A 28 2.29 5.59 -7.50
N VAL A 29 2.08 4.96 -8.66
CA VAL A 29 2.90 5.20 -9.83
C VAL A 29 2.14 5.97 -10.89
N ALA A 30 0.84 5.67 -11.02
CA ALA A 30 -0.01 6.34 -12.00
C ALA A 30 -0.40 7.74 -11.53
N CYS A 31 -1.14 7.81 -10.43
CA CYS A 31 -1.57 9.08 -9.87
C CYS A 31 -0.48 9.71 -9.01
N GLU A 32 0.44 8.87 -8.55
CA GLU A 32 1.54 9.34 -7.72
C GLU A 32 1.02 9.90 -6.40
N THR A 33 0.14 9.16 -5.75
CA THR A 33 -0.44 9.59 -4.48
C THR A 33 0.28 8.95 -3.30
N PRO A 34 0.50 9.73 -2.24
CA PRO A 34 1.18 9.27 -1.03
C PRO A 34 0.35 8.27 -0.25
N LYS A 35 0.84 7.04 -0.13
CA LYS A 35 0.15 5.99 0.59
C LYS A 35 0.05 6.32 2.07
N PRO A 36 -1.13 6.08 2.66
CA PRO A 36 -1.38 6.35 4.08
C PRO A 36 -0.61 5.40 4.99
N GLY A 37 -0.69 5.65 6.30
CA GLY A 37 0.00 4.80 7.26
C GLY A 37 1.40 4.46 6.82
N THR A 38 2.18 5.49 6.48
CA THR A 38 3.56 5.28 6.05
C THR A 38 4.38 4.53 7.09
N CYS A 39 4.43 5.08 8.30
CA CYS A 39 5.17 4.46 9.39
C CYS A 39 4.23 3.91 10.44
N VAL A 40 4.33 2.60 10.69
CA VAL A 40 3.48 1.95 11.68
C VAL A 40 3.92 2.30 13.10
N LYS A 41 2.95 2.36 14.01
CA LYS A 41 3.22 2.69 15.41
C LYS A 41 3.00 1.47 16.30
N ARG A 42 4.07 1.02 16.95
CA ARG A 42 3.99 -0.13 17.83
C ARG A 42 3.08 0.16 19.02
N ALA A 43 1.90 -0.45 19.03
CA ALA A 43 0.94 -0.26 20.10
C ALA A 43 0.99 -1.41 21.10
N LEU A 44 0.45 -1.18 22.29
CA LEU A 44 0.43 -2.21 23.33
C LEU A 44 -0.14 -3.52 22.79
N THR A 45 -1.38 -3.46 22.32
CA THR A 45 -2.04 -4.65 21.78
C THR A 45 -1.82 -4.77 20.27
N LEU A 46 -1.00 -5.75 19.89
CA LEU A 46 -0.70 -5.96 18.47
C LEU A 46 -1.21 -7.33 18.02
N THR A 47 -2.10 -7.93 18.81
CA THR A 47 -2.67 -9.23 18.49
C THR A 47 -3.57 -9.16 17.26
ZN ZN B . -3.14 5.66 -7.71
N GLY A 1 9.53 -22.47 -9.27
CA GLY A 1 8.55 -23.42 -8.77
C GLY A 1 8.11 -23.09 -7.36
N SER A 2 6.79 -23.01 -7.16
CA SER A 2 6.23 -22.70 -5.85
C SER A 2 6.01 -23.97 -5.04
N SER A 3 6.66 -24.05 -3.89
CA SER A 3 6.54 -25.22 -3.03
C SER A 3 5.68 -24.90 -1.80
N GLY A 4 4.43 -25.35 -1.83
CA GLY A 4 3.53 -25.10 -0.73
C GLY A 4 2.95 -23.70 -0.74
N SER A 5 2.58 -23.19 0.43
CA SER A 5 2.01 -21.86 0.55
C SER A 5 2.75 -21.04 1.61
N SER A 6 3.52 -20.07 1.16
CA SER A 6 4.29 -19.21 2.07
C SER A 6 3.61 -17.85 2.22
N GLY A 7 3.07 -17.34 1.13
CA GLY A 7 2.41 -16.04 1.15
C GLY A 7 2.93 -15.11 0.08
N VAL A 8 2.40 -15.26 -1.13
CA VAL A 8 2.80 -14.41 -2.25
C VAL A 8 1.87 -13.22 -2.41
N ILE A 9 1.09 -12.95 -1.37
CA ILE A 9 0.15 -11.84 -1.39
C ILE A 9 0.74 -10.59 -0.73
N GLY A 10 1.00 -9.56 -1.54
CA GLY A 10 1.56 -8.34 -1.01
C GLY A 10 1.35 -7.16 -1.93
N THR A 11 0.24 -6.45 -1.75
CA THR A 11 -0.08 -5.30 -2.58
C THR A 11 -1.12 -4.41 -1.92
N TRP A 12 -1.08 -3.12 -2.23
CA TRP A 12 -2.02 -2.17 -1.66
C TRP A 12 -2.77 -1.41 -2.76
N ASP A 13 -4.08 -1.59 -2.81
CA ASP A 13 -4.91 -0.92 -3.81
C ASP A 13 -4.94 0.58 -3.57
N CYS A 14 -5.14 1.34 -4.64
CA CYS A 14 -5.18 2.80 -4.55
C CYS A 14 -6.63 3.29 -4.50
N ASP A 15 -6.80 4.54 -4.09
CA ASP A 15 -8.13 5.13 -4.00
C ASP A 15 -8.32 6.22 -5.05
N THR A 16 -7.22 6.89 -5.40
CA THR A 16 -7.26 7.97 -6.39
C THR A 16 -7.49 7.41 -7.79
N CYS A 17 -6.57 6.59 -8.26
CA CYS A 17 -6.67 5.99 -9.58
C CYS A 17 -7.18 4.56 -9.50
N LEU A 18 -7.08 3.97 -8.30
CA LEU A 18 -7.53 2.60 -8.08
C LEU A 18 -6.66 1.61 -8.85
N VAL A 19 -5.37 1.89 -8.92
CA VAL A 19 -4.44 1.02 -9.63
C VAL A 19 -3.57 0.22 -8.65
N GLN A 20 -3.41 -1.07 -8.92
CA GLN A 20 -2.62 -1.93 -8.06
C GLN A 20 -1.18 -1.43 -7.96
N ASN A 21 -0.72 -1.24 -6.73
CA ASN A 21 0.65 -0.76 -6.50
C ASN A 21 1.49 -1.84 -5.81
N LYS A 22 2.77 -1.54 -5.63
CA LYS A 22 3.69 -2.47 -5.00
C LYS A 22 3.85 -2.15 -3.52
N PRO A 23 4.01 -3.21 -2.69
CA PRO A 23 4.18 -3.05 -1.25
C PRO A 23 5.53 -2.43 -0.88
N GLU A 24 6.36 -2.19 -1.88
CA GLU A 24 7.67 -1.60 -1.67
C GLU A 24 7.64 -0.09 -1.91
N ALA A 25 6.83 0.33 -2.88
CA ALA A 25 6.71 1.75 -3.21
C ALA A 25 5.95 2.49 -2.13
N ILE A 26 6.41 3.70 -1.82
CA ILE A 26 5.78 4.52 -0.79
C ILE A 26 4.56 5.25 -1.35
N LYS A 27 4.61 5.57 -2.63
CA LYS A 27 3.51 6.28 -3.29
C LYS A 27 3.06 5.52 -4.53
N CYS A 28 2.02 6.04 -5.19
CA CYS A 28 1.49 5.42 -6.39
C CYS A 28 2.36 5.75 -7.61
N VAL A 29 2.15 5.02 -8.70
CA VAL A 29 2.91 5.24 -9.93
C VAL A 29 2.05 5.91 -10.99
N ALA A 30 0.75 5.66 -10.94
CA ALA A 30 -0.18 6.24 -11.90
C ALA A 30 -0.57 7.65 -11.51
N CYS A 31 -1.24 7.78 -10.37
CA CYS A 31 -1.67 9.08 -9.87
C CYS A 31 -0.56 9.76 -9.06
N GLU A 32 0.40 8.96 -8.62
CA GLU A 32 1.51 9.48 -7.83
C GLU A 32 1.03 10.04 -6.50
N THR A 33 0.14 9.30 -5.84
CA THR A 33 -0.40 9.73 -4.56
C THR A 33 0.28 9.02 -3.40
N PRO A 34 0.57 9.78 -2.33
CA PRO A 34 1.24 9.23 -1.13
C PRO A 34 0.34 8.28 -0.35
N LYS A 35 0.84 7.09 -0.08
CA LYS A 35 0.08 6.09 0.67
C LYS A 35 -0.42 6.65 1.99
N PRO A 36 -1.66 6.32 2.35
CA PRO A 36 -2.27 6.79 3.60
C PRO A 36 -1.63 6.16 4.84
N GLY A 37 -0.57 6.76 5.33
CA GLY A 37 0.12 6.24 6.51
C GLY A 37 1.07 7.26 7.11
N THR A 38 0.56 8.09 8.01
CA THR A 38 1.37 9.11 8.66
C THR A 38 1.53 8.82 10.15
N CYS A 39 2.70 9.12 10.69
CA CYS A 39 2.97 8.90 12.11
C CYS A 39 4.03 9.85 12.63
N VAL A 40 3.64 10.72 13.56
CA VAL A 40 4.56 11.69 14.13
C VAL A 40 4.35 11.82 15.64
N LYS A 41 5.45 11.98 16.37
CA LYS A 41 5.40 12.11 17.81
C LYS A 41 5.12 13.55 18.21
N ARG A 42 4.66 14.35 17.26
CA ARG A 42 4.35 15.75 17.52
C ARG A 42 3.04 15.89 18.28
N ALA A 43 2.95 16.92 19.11
CA ALA A 43 1.75 17.17 19.91
C ALA A 43 0.56 17.46 19.01
N LEU A 44 -0.61 16.97 19.40
CA LEU A 44 -1.83 17.18 18.64
C LEU A 44 -2.56 18.43 19.09
N THR A 45 -2.93 18.47 20.38
CA THR A 45 -3.63 19.62 20.93
C THR A 45 -2.74 20.38 21.91
N LEU A 46 -2.99 21.68 22.04
CA LEU A 46 -2.20 22.52 22.94
C LEU A 46 -2.59 22.26 24.40
N THR A 47 -1.73 22.68 25.32
CA THR A 47 -1.98 22.50 26.75
C THR A 47 -2.19 23.84 27.44
ZN ZN B . -3.08 5.73 -7.57
N GLY A 1 14.55 -16.21 5.49
CA GLY A 1 15.89 -16.76 5.47
C GLY A 1 16.21 -17.47 4.17
N SER A 2 15.38 -18.45 3.82
CA SER A 2 15.58 -19.22 2.60
C SER A 2 14.93 -18.53 1.41
N SER A 3 14.62 -17.25 1.57
CA SER A 3 13.98 -16.48 0.51
C SER A 3 12.63 -17.08 0.13
N GLY A 4 11.87 -17.49 1.13
CA GLY A 4 10.57 -18.08 0.89
C GLY A 4 9.67 -17.18 0.07
N SER A 5 8.79 -17.78 -0.73
CA SER A 5 7.87 -17.02 -1.57
C SER A 5 7.25 -15.86 -0.80
N SER A 6 6.60 -16.19 0.33
CA SER A 6 5.95 -15.19 1.16
C SER A 6 6.97 -14.14 1.62
N GLY A 7 6.70 -12.88 1.27
CA GLY A 7 7.60 -11.80 1.66
C GLY A 7 7.27 -10.51 0.95
N VAL A 8 7.43 -10.49 -0.37
CA VAL A 8 7.16 -9.30 -1.16
C VAL A 8 5.68 -9.20 -1.50
N ILE A 9 4.85 -9.94 -0.77
CA ILE A 9 3.41 -9.94 -0.99
C ILE A 9 2.70 -8.98 -0.03
N GLY A 10 1.86 -8.12 -0.57
CA GLY A 10 1.13 -7.17 0.25
C GLY A 10 0.81 -5.88 -0.48
N THR A 11 0.42 -6.01 -1.75
CA THR A 11 0.10 -4.84 -2.56
C THR A 11 -1.06 -4.06 -1.96
N TRP A 12 -1.06 -2.75 -2.17
CA TRP A 12 -2.11 -1.90 -1.66
C TRP A 12 -2.91 -1.25 -2.79
N ASP A 13 -4.22 -1.39 -2.73
CA ASP A 13 -5.10 -0.82 -3.76
C ASP A 13 -5.26 0.69 -3.56
N CYS A 14 -5.21 1.43 -4.65
CA CYS A 14 -5.34 2.88 -4.61
C CYS A 14 -6.80 3.28 -4.42
N ASP A 15 -7.03 4.56 -4.17
CA ASP A 15 -8.38 5.08 -3.98
C ASP A 15 -8.75 6.08 -5.07
N THR A 16 -7.77 6.88 -5.48
CA THR A 16 -7.98 7.89 -6.52
C THR A 16 -8.03 7.24 -7.89
N CYS A 17 -6.91 6.67 -8.31
CA CYS A 17 -6.82 6.02 -9.62
C CYS A 17 -7.28 4.57 -9.54
N LEU A 18 -7.24 4.01 -8.34
CA LEU A 18 -7.65 2.63 -8.11
C LEU A 18 -6.78 1.66 -8.91
N VAL A 19 -5.47 1.86 -8.83
CA VAL A 19 -4.53 1.00 -9.55
C VAL A 19 -3.62 0.26 -8.57
N GLN A 20 -3.41 -1.03 -8.83
CA GLN A 20 -2.56 -1.85 -7.98
C GLN A 20 -1.10 -1.39 -8.04
N ASN A 21 -0.42 -1.45 -6.90
CA ASN A 21 0.98 -1.03 -6.84
C ASN A 21 1.79 -1.99 -5.96
N LYS A 22 3.10 -1.81 -5.96
CA LYS A 22 3.98 -2.66 -5.16
C LYS A 22 3.96 -2.24 -3.69
N PRO A 23 4.10 -3.22 -2.79
CA PRO A 23 4.10 -2.98 -1.35
C PRO A 23 5.35 -2.25 -0.88
N GLU A 24 6.36 -2.20 -1.75
CA GLU A 24 7.62 -1.53 -1.43
C GLU A 24 7.52 -0.03 -1.72
N ALA A 25 6.87 0.31 -2.82
CA ALA A 25 6.71 1.71 -3.21
C ALA A 25 5.92 2.48 -2.16
N ILE A 26 6.45 3.65 -1.78
CA ILE A 26 5.80 4.48 -0.78
C ILE A 26 4.61 5.23 -1.37
N LYS A 27 4.72 5.59 -2.65
CA LYS A 27 3.65 6.30 -3.33
C LYS A 27 3.18 5.52 -4.56
N CYS A 28 2.16 6.05 -5.22
CA CYS A 28 1.61 5.41 -6.41
C CYS A 28 2.49 5.67 -7.63
N VAL A 29 2.20 4.97 -8.72
CA VAL A 29 2.97 5.13 -9.95
C VAL A 29 2.15 5.87 -11.01
N ALA A 30 0.84 5.63 -11.02
CA ALA A 30 -0.05 6.27 -11.97
C ALA A 30 -0.41 7.68 -11.52
N CYS A 31 -1.09 7.78 -10.39
CA CYS A 31 -1.50 9.08 -9.85
C CYS A 31 -0.40 9.68 -8.99
N GLU A 32 0.54 8.84 -8.57
CA GLU A 32 1.65 9.29 -7.74
C GLU A 32 1.14 9.85 -6.42
N THR A 33 0.21 9.16 -5.80
CA THR A 33 -0.36 9.58 -4.52
C THR A 33 0.33 8.91 -3.35
N PRO A 34 0.60 9.69 -2.29
CA PRO A 34 1.25 9.19 -1.08
C PRO A 34 0.38 8.22 -0.30
N LYS A 35 0.94 7.07 0.06
CA LYS A 35 0.20 6.07 0.83
C LYS A 35 -0.29 6.64 2.15
N PRO A 36 -1.53 6.28 2.52
CA PRO A 36 -2.14 6.74 3.77
C PRO A 36 -1.47 6.14 5.01
N GLY A 37 -0.42 5.36 4.78
CA GLY A 37 0.28 4.74 5.89
C GLY A 37 1.56 5.47 6.25
N THR A 38 2.67 4.73 6.34
CA THR A 38 3.96 5.31 6.67
C THR A 38 4.49 6.15 5.53
N CYS A 39 5.25 7.19 5.86
CA CYS A 39 5.84 8.07 4.85
C CYS A 39 7.08 7.44 4.24
N VAL A 40 8.01 7.02 5.09
CA VAL A 40 9.25 6.40 4.62
C VAL A 40 9.38 4.98 5.15
N LYS A 41 10.26 4.20 4.51
CA LYS A 41 10.47 2.82 4.91
C LYS A 41 11.66 2.71 5.86
N ARG A 42 12.82 3.19 5.41
CA ARG A 42 14.03 3.15 6.22
C ARG A 42 13.81 3.81 7.56
N ALA A 43 14.45 3.27 8.60
CA ALA A 43 14.32 3.82 9.95
C ALA A 43 15.33 4.93 10.19
N LEU A 44 14.84 6.16 10.24
CA LEU A 44 15.70 7.32 10.45
C LEU A 44 16.66 7.07 11.62
N THR A 45 16.11 6.82 12.79
CA THR A 45 16.91 6.55 13.99
C THR A 45 17.35 5.10 14.04
N LEU A 46 18.57 4.88 14.52
CA LEU A 46 19.12 3.53 14.63
C LEU A 46 18.18 2.62 15.40
N THR A 47 17.89 2.99 16.65
CA THR A 47 17.00 2.20 17.49
C THR A 47 15.71 2.97 17.78
ZN ZN B . -2.98 5.71 -7.62
N GLY A 1 10.38 -24.30 -12.84
CA GLY A 1 10.40 -23.30 -11.79
C GLY A 1 9.10 -23.26 -11.00
N SER A 2 8.50 -22.08 -10.94
CA SER A 2 7.24 -21.91 -10.20
C SER A 2 6.24 -21.12 -11.04
N SER A 3 5.00 -21.04 -10.54
CA SER A 3 3.94 -20.32 -11.23
C SER A 3 3.60 -19.03 -10.50
N GLY A 4 2.91 -18.12 -11.20
CA GLY A 4 2.52 -16.86 -10.60
C GLY A 4 3.62 -16.27 -9.74
N SER A 5 4.73 -15.90 -10.35
CA SER A 5 5.86 -15.33 -9.63
C SER A 5 5.76 -13.81 -9.58
N SER A 6 5.51 -13.20 -10.75
CA SER A 6 5.39 -11.76 -10.84
C SER A 6 4.22 -11.25 -10.00
N GLY A 7 3.13 -12.00 -10.01
CA GLY A 7 1.95 -11.61 -9.25
C GLY A 7 2.01 -12.09 -7.81
N VAL A 8 2.32 -11.18 -6.90
CA VAL A 8 2.40 -11.51 -5.48
C VAL A 8 1.19 -10.99 -4.72
N ILE A 9 1.03 -11.46 -3.49
CA ILE A 9 -0.09 -11.04 -2.65
C ILE A 9 0.17 -9.69 -2.01
N GLY A 10 1.41 -9.46 -1.59
CA GLY A 10 1.76 -8.21 -0.96
C GLY A 10 1.57 -7.03 -1.90
N THR A 11 0.40 -6.39 -1.81
CA THR A 11 0.08 -5.25 -2.65
C THR A 11 -1.05 -4.42 -2.05
N TRP A 12 -1.06 -3.13 -2.36
CA TRP A 12 -2.09 -2.23 -1.85
C TRP A 12 -2.78 -1.50 -2.99
N ASP A 13 -4.11 -1.53 -2.98
CA ASP A 13 -4.89 -0.87 -4.01
C ASP A 13 -4.98 0.63 -3.76
N CYS A 14 -5.30 1.39 -4.80
CA CYS A 14 -5.42 2.84 -4.68
C CYS A 14 -6.88 3.26 -4.54
N ASP A 15 -7.09 4.51 -4.14
CA ASP A 15 -8.45 5.03 -3.97
C ASP A 15 -8.75 6.10 -5.02
N THR A 16 -7.74 6.90 -5.35
CA THR A 16 -7.91 7.96 -6.34
C THR A 16 -7.99 7.39 -7.75
N CYS A 17 -6.90 6.78 -8.20
CA CYS A 17 -6.85 6.19 -9.54
C CYS A 17 -7.38 4.76 -9.52
N LEU A 18 -7.36 4.13 -8.35
CA LEU A 18 -7.84 2.77 -8.19
C LEU A 18 -6.98 1.80 -8.99
N VAL A 19 -5.67 1.93 -8.86
CA VAL A 19 -4.73 1.06 -9.56
C VAL A 19 -3.79 0.37 -8.58
N GLN A 20 -3.58 -0.92 -8.80
CA GLN A 20 -2.70 -1.71 -7.93
C GLN A 20 -1.26 -1.22 -8.04
N ASN A 21 -0.49 -1.42 -6.97
CA ASN A 21 0.91 -1.00 -6.95
C ASN A 21 1.73 -1.91 -6.04
N LYS A 22 3.04 -1.66 -5.99
CA LYS A 22 3.93 -2.46 -5.17
C LYS A 22 3.96 -1.94 -3.73
N PRO A 23 4.08 -2.86 -2.77
CA PRO A 23 4.11 -2.52 -1.35
C PRO A 23 5.40 -1.80 -0.95
N GLU A 24 6.42 -1.92 -1.79
CA GLU A 24 7.70 -1.28 -1.53
C GLU A 24 7.63 0.21 -1.83
N ALA A 25 6.88 0.58 -2.87
CA ALA A 25 6.73 1.97 -3.25
C ALA A 25 5.94 2.75 -2.21
N ILE A 26 6.56 3.78 -1.64
CA ILE A 26 5.91 4.60 -0.63
C ILE A 26 4.76 5.40 -1.22
N LYS A 27 4.56 5.27 -2.53
CA LYS A 27 3.50 5.98 -3.23
C LYS A 27 3.06 5.22 -4.47
N CYS A 28 2.01 5.71 -5.12
CA CYS A 28 1.49 5.07 -6.32
C CYS A 28 2.44 5.29 -7.50
N VAL A 29 2.16 4.60 -8.60
CA VAL A 29 2.99 4.72 -9.80
C VAL A 29 2.27 5.51 -10.89
N ALA A 30 0.95 5.41 -10.92
CA ALA A 30 0.15 6.12 -11.90
C ALA A 30 -0.17 7.54 -11.43
N CYS A 31 -0.98 7.65 -10.39
CA CYS A 31 -1.35 8.96 -9.84
C CYS A 31 -0.23 9.53 -8.99
N GLU A 32 0.64 8.65 -8.50
CA GLU A 32 1.76 9.08 -7.66
C GLU A 32 1.26 9.70 -6.36
N THR A 33 0.21 9.11 -5.79
CA THR A 33 -0.37 9.59 -4.55
C THR A 33 0.33 8.99 -3.35
N PRO A 34 0.55 9.81 -2.30
CA PRO A 34 1.21 9.38 -1.07
C PRO A 34 0.35 8.42 -0.26
N LYS A 35 0.89 7.23 0.01
CA LYS A 35 0.17 6.22 0.78
C LYS A 35 -0.26 6.78 2.14
N PRO A 36 -1.48 6.41 2.56
CA PRO A 36 -2.04 6.86 3.83
C PRO A 36 -1.32 6.24 5.04
N GLY A 37 -0.47 7.03 5.68
CA GLY A 37 0.27 6.54 6.82
C GLY A 37 1.74 6.38 6.55
N THR A 38 2.38 7.45 6.11
CA THR A 38 3.80 7.43 5.79
C THR A 38 4.63 7.90 6.98
N CYS A 39 4.24 9.02 7.56
CA CYS A 39 4.95 9.59 8.70
C CYS A 39 6.45 9.62 8.46
N VAL A 40 6.82 9.91 7.21
CA VAL A 40 8.22 9.98 6.83
C VAL A 40 8.68 11.42 6.65
N LYS A 41 7.73 12.30 6.30
CA LYS A 41 8.03 13.71 6.09
C LYS A 41 8.08 14.45 7.42
N ARG A 42 8.15 13.70 8.51
CA ARG A 42 8.21 14.28 9.84
C ARG A 42 9.41 15.20 9.99
N ALA A 43 9.16 16.49 10.20
CA ALA A 43 10.24 17.46 10.35
C ALA A 43 11.20 17.40 9.17
N LEU A 44 10.67 17.11 7.99
CA LEU A 44 11.49 17.03 6.79
C LEU A 44 12.64 16.05 6.97
N THR A 45 12.36 14.93 7.64
CA THR A 45 13.37 13.91 7.89
C THR A 45 12.79 12.52 7.75
N LEU A 46 13.24 11.80 6.71
CA LEU A 46 12.76 10.45 6.46
C LEU A 46 13.69 9.42 7.09
N THR A 47 14.99 9.69 7.03
CA THR A 47 15.99 8.79 7.60
C THR A 47 15.65 8.42 9.03
ZN ZN B . -2.98 5.65 -7.58
N GLY A 1 -11.04 -13.82 4.10
CA GLY A 1 -10.51 -12.62 4.72
C GLY A 1 -11.62 -11.67 5.16
N SER A 2 -11.43 -11.03 6.31
CA SER A 2 -12.41 -10.10 6.85
C SER A 2 -12.68 -8.96 5.86
N SER A 3 -11.61 -8.32 5.40
CA SER A 3 -11.73 -7.22 4.46
C SER A 3 -10.96 -7.51 3.18
N GLY A 4 -11.67 -7.54 2.06
CA GLY A 4 -11.04 -7.81 0.78
C GLY A 4 -10.03 -6.74 0.39
N SER A 5 -10.43 -5.48 0.53
CA SER A 5 -9.57 -4.36 0.19
C SER A 5 -8.16 -4.57 0.73
N SER A 6 -8.07 -4.90 2.01
CA SER A 6 -6.78 -5.13 2.65
C SER A 6 -6.59 -6.60 2.97
N GLY A 7 -5.59 -7.21 2.33
CA GLY A 7 -5.32 -8.62 2.56
C GLY A 7 -3.86 -8.89 2.88
N VAL A 8 -3.43 -10.13 2.69
CA VAL A 8 -2.05 -10.51 2.96
C VAL A 8 -1.28 -10.76 1.66
N ILE A 9 -1.83 -10.27 0.56
CA ILE A 9 -1.20 -10.43 -0.75
C ILE A 9 0.06 -9.58 -0.85
N GLY A 10 0.01 -8.36 -0.30
CA GLY A 10 1.15 -7.48 -0.35
C GLY A 10 0.83 -6.14 -1.01
N THR A 11 0.43 -6.19 -2.27
CA THR A 11 0.09 -4.98 -3.01
C THR A 11 -1.09 -4.26 -2.38
N TRP A 12 -1.04 -2.93 -2.38
CA TRP A 12 -2.12 -2.13 -1.80
C TRP A 12 -2.90 -1.40 -2.89
N ASP A 13 -4.21 -1.58 -2.90
CA ASP A 13 -5.07 -0.94 -3.88
C ASP A 13 -5.14 0.57 -3.65
N CYS A 14 -4.99 1.33 -4.73
CA CYS A 14 -5.03 2.78 -4.65
C CYS A 14 -6.45 3.27 -4.40
N ASP A 15 -6.58 4.55 -4.06
CA ASP A 15 -7.89 5.14 -3.80
C ASP A 15 -8.23 6.19 -4.86
N THR A 16 -7.21 6.89 -5.34
CA THR A 16 -7.40 7.92 -6.35
C THR A 16 -7.67 7.31 -7.72
N CYS A 17 -6.71 6.55 -8.23
CA CYS A 17 -6.85 5.91 -9.52
C CYS A 17 -7.27 4.45 -9.37
N LEU A 18 -7.09 3.92 -8.16
CA LEU A 18 -7.45 2.53 -7.88
C LEU A 18 -6.56 1.56 -8.67
N VAL A 19 -5.30 1.92 -8.82
CA VAL A 19 -4.35 1.09 -9.56
C VAL A 19 -3.58 0.17 -8.60
N GLN A 20 -3.10 -0.94 -9.14
CA GLN A 20 -2.34 -1.90 -8.34
C GLN A 20 -0.95 -1.36 -8.00
N ASN A 21 -0.74 -1.08 -6.72
CA ASN A 21 0.54 -0.55 -6.26
C ASN A 21 1.36 -1.64 -5.57
N LYS A 22 2.68 -1.51 -5.62
CA LYS A 22 3.58 -2.47 -4.99
C LYS A 22 3.77 -2.14 -3.51
N PRO A 23 3.97 -3.20 -2.70
CA PRO A 23 4.18 -3.06 -1.25
C PRO A 23 5.53 -2.41 -0.92
N GLU A 24 6.32 -2.15 -1.96
CA GLU A 24 7.63 -1.55 -1.78
C GLU A 24 7.58 -0.05 -2.04
N ALA A 25 6.77 0.35 -3.01
CA ALA A 25 6.63 1.76 -3.38
C ALA A 25 5.84 2.51 -2.30
N ILE A 26 6.36 3.67 -1.92
CA ILE A 26 5.71 4.49 -0.91
C ILE A 26 4.51 5.23 -1.48
N LYS A 27 4.61 5.62 -2.75
CA LYS A 27 3.53 6.34 -3.42
C LYS A 27 3.11 5.61 -4.69
N CYS A 28 1.88 5.85 -5.13
CA CYS A 28 1.35 5.21 -6.34
C CYS A 28 2.27 5.48 -7.52
N VAL A 29 2.06 4.73 -8.61
CA VAL A 29 2.86 4.89 -9.81
C VAL A 29 2.06 5.53 -10.93
N ALA A 30 0.73 5.44 -10.82
CA ALA A 30 -0.15 6.02 -11.83
C ALA A 30 -0.47 7.48 -11.51
N CYS A 31 -0.99 7.71 -10.31
CA CYS A 31 -1.34 9.06 -9.88
C CYS A 31 -0.24 9.65 -9.01
N GLU A 32 0.65 8.81 -8.51
CA GLU A 32 1.75 9.25 -7.67
C GLU A 32 1.23 9.85 -6.37
N THR A 33 0.16 9.25 -5.84
CA THR A 33 -0.44 9.72 -4.60
C THR A 33 0.22 9.08 -3.39
N PRO A 34 0.42 9.88 -2.33
CA PRO A 34 1.05 9.40 -1.09
C PRO A 34 0.15 8.44 -0.32
N LYS A 35 0.73 7.31 0.09
CA LYS A 35 -0.02 6.30 0.83
C LYS A 35 -0.51 6.86 2.16
N PRO A 36 -1.75 6.50 2.54
CA PRO A 36 -2.37 6.95 3.79
C PRO A 36 -1.71 6.33 5.01
N GLY A 37 -1.66 7.10 6.10
CA GLY A 37 -1.05 6.61 7.33
C GLY A 37 -1.32 7.51 8.51
N THR A 38 -2.59 7.61 8.90
CA THR A 38 -2.99 8.45 10.02
C THR A 38 -3.57 7.61 11.15
N CYS A 39 -3.29 6.31 11.11
CA CYS A 39 -3.79 5.40 12.14
C CYS A 39 -2.75 5.20 13.23
N VAL A 40 -1.53 4.87 12.83
CA VAL A 40 -0.44 4.64 13.77
C VAL A 40 -0.18 5.89 14.60
N LYS A 41 0.25 5.69 15.85
CA LYS A 41 0.54 6.79 16.75
C LYS A 41 -0.70 7.66 16.97
N ARG A 42 -1.85 7.00 17.13
CA ARG A 42 -3.10 7.71 17.35
C ARG A 42 -2.98 8.68 18.53
N ALA A 43 -3.44 9.91 18.33
CA ALA A 43 -3.38 10.93 19.37
C ALA A 43 -4.33 10.59 20.51
N LEU A 44 -5.62 10.55 20.21
CA LEU A 44 -6.63 10.24 21.22
C LEU A 44 -6.97 8.76 21.22
N THR A 45 -7.80 8.34 22.17
CA THR A 45 -8.21 6.94 22.28
C THR A 45 -9.70 6.82 22.56
N LEU A 46 -10.33 5.80 22.00
CA LEU A 46 -11.75 5.58 22.19
C LEU A 46 -12.00 4.51 23.25
N THR A 47 -12.82 4.84 24.24
CA THR A 47 -13.13 3.90 25.32
C THR A 47 -14.64 3.80 25.53
ZN ZN B . -3.06 5.79 -7.79
N GLY A 1 -22.47 -8.96 1.25
CA GLY A 1 -21.72 -8.60 2.44
C GLY A 1 -20.39 -7.94 2.11
N SER A 2 -19.55 -8.64 1.37
CA SER A 2 -18.24 -8.14 0.98
C SER A 2 -17.40 -7.80 2.22
N SER A 3 -17.46 -8.67 3.22
CA SER A 3 -16.72 -8.46 4.45
C SER A 3 -15.60 -9.50 4.59
N GLY A 4 -14.38 -9.01 4.77
CA GLY A 4 -13.24 -9.90 4.91
C GLY A 4 -11.94 -9.15 5.10
N SER A 5 -11.01 -9.34 4.17
CA SER A 5 -9.71 -8.69 4.23
C SER A 5 -9.86 -7.17 4.07
N SER A 6 -9.16 -6.42 4.93
CA SER A 6 -9.22 -4.97 4.89
C SER A 6 -8.84 -4.45 3.50
N GLY A 7 -7.69 -4.87 3.01
CA GLY A 7 -7.24 -4.44 1.69
C GLY A 7 -6.92 -5.60 0.78
N VAL A 8 -5.64 -5.73 0.42
CA VAL A 8 -5.20 -6.82 -0.45
C VAL A 8 -3.88 -7.40 0.01
N ILE A 9 -3.71 -8.71 -0.16
CA ILE A 9 -2.49 -9.39 0.23
C ILE A 9 -1.27 -8.76 -0.42
N GLY A 10 -0.44 -8.09 0.38
CA GLY A 10 0.75 -7.45 -0.14
C GLY A 10 0.45 -6.11 -0.78
N THR A 11 0.26 -6.11 -2.09
CA THR A 11 -0.02 -4.89 -2.82
C THR A 11 -1.19 -4.13 -2.20
N TRP A 12 -1.25 -2.83 -2.43
CA TRP A 12 -2.32 -2.00 -1.89
C TRP A 12 -3.13 -1.35 -3.01
N ASP A 13 -4.44 -1.53 -2.96
CA ASP A 13 -5.33 -0.98 -3.97
C ASP A 13 -5.53 0.53 -3.76
N CYS A 14 -5.09 1.32 -4.73
CA CYS A 14 -5.20 2.76 -4.66
C CYS A 14 -6.67 3.19 -4.55
N ASP A 15 -6.89 4.45 -4.20
CA ASP A 15 -8.25 4.98 -4.06
C ASP A 15 -8.52 6.04 -5.13
N THR A 16 -7.49 6.81 -5.47
CA THR A 16 -7.62 7.86 -6.47
C THR A 16 -7.74 7.28 -7.87
N CYS A 17 -6.72 6.52 -8.29
CA CYS A 17 -6.70 5.91 -9.60
C CYS A 17 -7.16 4.45 -9.53
N LEU A 18 -7.07 3.87 -8.34
CA LEU A 18 -7.47 2.49 -8.13
C LEU A 18 -6.52 1.53 -8.86
N VAL A 19 -5.23 1.81 -8.78
CA VAL A 19 -4.23 0.98 -9.43
C VAL A 19 -3.52 0.08 -8.43
N GLN A 20 -3.14 -1.11 -8.88
CA GLN A 20 -2.45 -2.06 -8.01
C GLN A 20 -0.94 -1.82 -8.02
N ASN A 21 -0.41 -1.39 -6.89
CA ASN A 21 1.03 -1.13 -6.76
C ASN A 21 1.67 -2.06 -5.75
N LYS A 22 3.00 -2.15 -5.78
CA LYS A 22 3.74 -3.00 -4.87
C LYS A 22 3.78 -2.39 -3.47
N PRO A 23 3.82 -3.27 -2.45
CA PRO A 23 3.86 -2.84 -1.05
C PRO A 23 5.19 -2.18 -0.67
N GLU A 24 6.13 -2.20 -1.61
CA GLU A 24 7.43 -1.59 -1.39
C GLU A 24 7.41 -0.10 -1.66
N ALA A 25 6.77 0.29 -2.75
CA ALA A 25 6.66 1.70 -3.13
C ALA A 25 5.94 2.49 -2.06
N ILE A 26 6.46 3.68 -1.75
CA ILE A 26 5.87 4.54 -0.74
C ILE A 26 4.68 5.31 -1.30
N LYS A 27 4.72 5.60 -2.60
CA LYS A 27 3.66 6.33 -3.27
C LYS A 27 3.17 5.57 -4.50
N CYS A 28 2.12 6.09 -5.13
CA CYS A 28 1.56 5.46 -6.32
C CYS A 28 2.37 5.83 -7.56
N VAL A 29 2.08 5.15 -8.66
CA VAL A 29 2.78 5.40 -9.92
C VAL A 29 1.88 6.09 -10.94
N ALA A 30 0.59 5.77 -10.88
CA ALA A 30 -0.38 6.36 -11.79
C ALA A 30 -0.73 7.79 -11.37
N CYS A 31 -1.31 7.92 -10.18
CA CYS A 31 -1.69 9.23 -9.66
C CYS A 31 -0.60 9.81 -8.77
N GLU A 32 0.51 9.07 -8.65
CA GLU A 32 1.63 9.50 -7.82
C GLU A 32 1.14 10.02 -6.46
N THR A 33 0.05 9.44 -5.98
CA THR A 33 -0.52 9.84 -4.70
C THR A 33 0.24 9.21 -3.53
N PRO A 34 0.43 9.99 -2.46
CA PRO A 34 1.14 9.52 -1.26
C PRO A 34 0.35 8.48 -0.49
N LYS A 35 0.99 7.35 -0.20
CA LYS A 35 0.34 6.27 0.54
C LYS A 35 0.11 6.67 1.99
N PRO A 36 -1.07 6.30 2.52
CA PRO A 36 -1.44 6.60 3.90
C PRO A 36 -0.62 5.82 4.92
N GLY A 37 0.47 6.42 5.38
CA GLY A 37 1.33 5.75 6.35
C GLY A 37 0.66 5.58 7.69
N THR A 38 0.90 4.44 8.33
CA THR A 38 0.31 4.16 9.63
C THR A 38 1.36 4.20 10.73
N CYS A 39 0.95 4.62 11.93
CA CYS A 39 1.85 4.72 13.07
C CYS A 39 2.34 3.33 13.48
N VAL A 40 1.41 2.49 13.90
CA VAL A 40 1.74 1.13 14.33
C VAL A 40 1.93 0.21 13.13
N LYS A 41 3.02 -0.57 13.15
CA LYS A 41 3.31 -1.50 12.07
C LYS A 41 2.19 -2.53 11.91
N ARG A 42 2.28 -3.33 10.85
CA ARG A 42 1.28 -4.35 10.59
C ARG A 42 1.24 -5.38 11.72
N ALA A 43 2.41 -5.92 12.05
CA ALA A 43 2.51 -6.93 13.10
C ALA A 43 3.97 -7.17 13.49
N LEU A 44 4.19 -7.57 14.74
CA LEU A 44 5.53 -7.84 15.23
C LEU A 44 6.15 -9.03 14.51
N THR A 45 5.32 -10.01 14.16
CA THR A 45 5.77 -11.20 13.46
C THR A 45 6.92 -10.87 12.51
N LEU A 46 6.76 -9.79 11.75
CA LEU A 46 7.78 -9.36 10.80
C LEU A 46 8.91 -8.62 11.50
N THR A 47 10.14 -8.90 11.11
CA THR A 47 11.30 -8.25 11.70
C THR A 47 11.58 -6.92 11.04
ZN ZN B . -2.97 5.84 -7.60
N GLY A 1 -0.90 -20.88 5.06
CA GLY A 1 -0.15 -19.64 5.03
C GLY A 1 -0.95 -18.46 5.55
N SER A 2 -0.88 -17.35 4.83
CA SER A 2 -1.60 -16.14 5.22
C SER A 2 -3.10 -16.35 5.12
N SER A 3 -3.81 -16.23 6.24
CA SER A 3 -5.25 -16.41 6.28
C SER A 3 -5.94 -15.34 5.44
N GLY A 4 -5.53 -14.10 5.63
CA GLY A 4 -6.13 -12.99 4.89
C GLY A 4 -5.99 -13.17 3.38
N SER A 5 -6.97 -13.83 2.79
CA SER A 5 -6.96 -14.08 1.34
C SER A 5 -7.78 -13.02 0.61
N SER A 6 -9.04 -12.86 1.01
CA SER A 6 -9.92 -11.89 0.40
C SER A 6 -9.19 -10.58 0.10
N GLY A 7 -8.40 -10.13 1.08
CA GLY A 7 -7.66 -8.90 0.92
C GLY A 7 -6.31 -9.12 0.26
N VAL A 8 -5.95 -8.24 -0.67
CA VAL A 8 -4.67 -8.35 -1.37
C VAL A 8 -3.51 -8.38 -0.39
N ILE A 9 -2.54 -9.25 -0.65
CA ILE A 9 -1.36 -9.37 0.21
C ILE A 9 -0.16 -8.67 -0.40
N GLY A 10 0.38 -7.70 0.34
CA GLY A 10 1.54 -6.95 -0.14
C GLY A 10 1.15 -5.67 -0.85
N THR A 11 0.70 -5.81 -2.09
CA THR A 11 0.29 -4.64 -2.89
C THR A 11 -0.92 -3.96 -2.28
N TRP A 12 -0.97 -2.64 -2.40
CA TRP A 12 -2.08 -1.86 -1.87
C TRP A 12 -2.91 -1.24 -2.99
N ASP A 13 -4.23 -1.33 -2.86
CA ASP A 13 -5.14 -0.78 -3.86
C ASP A 13 -5.37 0.71 -3.62
N CYS A 14 -5.20 1.50 -4.67
CA CYS A 14 -5.39 2.95 -4.58
C CYS A 14 -6.87 3.29 -4.44
N ASP A 15 -7.14 4.55 -4.13
CA ASP A 15 -8.53 5.02 -3.95
C ASP A 15 -8.89 6.02 -5.05
N THR A 16 -7.94 6.86 -5.41
CA THR A 16 -8.16 7.87 -6.44
C THR A 16 -8.14 7.25 -7.83
N CYS A 17 -6.98 6.75 -8.23
CA CYS A 17 -6.83 6.13 -9.54
C CYS A 17 -7.29 4.67 -9.51
N LEU A 18 -7.26 4.07 -8.33
CA LEU A 18 -7.67 2.69 -8.15
C LEU A 18 -6.77 1.75 -8.96
N VAL A 19 -5.46 1.94 -8.83
CA VAL A 19 -4.48 1.12 -9.54
C VAL A 19 -3.57 0.38 -8.56
N GLN A 20 -3.34 -0.89 -8.83
CA GLN A 20 -2.48 -1.71 -7.98
C GLN A 20 -1.06 -1.15 -7.93
N ASN A 21 -0.43 -1.25 -6.76
CA ASN A 21 0.93 -0.74 -6.59
C ASN A 21 1.74 -1.68 -5.69
N LYS A 22 3.04 -1.74 -5.93
CA LYS A 22 3.93 -2.59 -5.14
C LYS A 22 3.94 -2.15 -3.68
N PRO A 23 4.23 -3.10 -2.78
CA PRO A 23 4.29 -2.84 -1.34
C PRO A 23 5.48 -1.97 -0.95
N GLU A 24 6.58 -2.13 -1.67
CA GLU A 24 7.79 -1.36 -1.40
C GLU A 24 7.56 0.12 -1.72
N ALA A 25 6.86 0.39 -2.81
CA ALA A 25 6.59 1.76 -3.24
C ALA A 25 5.74 2.48 -2.20
N ILE A 26 6.28 3.55 -1.65
CA ILE A 26 5.57 4.34 -0.65
C ILE A 26 4.42 5.12 -1.26
N LYS A 27 4.53 5.38 -2.56
CA LYS A 27 3.49 6.11 -3.28
C LYS A 27 3.01 5.32 -4.50
N CYS A 28 1.98 5.84 -5.17
CA CYS A 28 1.44 5.19 -6.36
C CYS A 28 2.37 5.37 -7.55
N VAL A 29 2.04 4.70 -8.65
CA VAL A 29 2.85 4.78 -9.87
C VAL A 29 2.09 5.51 -10.97
N ALA A 30 0.76 5.40 -10.95
CA ALA A 30 -0.08 6.04 -11.95
C ALA A 30 -0.40 7.47 -11.56
N CYS A 31 -0.98 7.64 -10.37
CA CYS A 31 -1.36 8.96 -9.88
C CYS A 31 -0.23 9.55 -9.02
N GLU A 32 0.67 8.69 -8.57
CA GLU A 32 1.80 9.13 -7.75
C GLU A 32 1.31 9.76 -6.45
N THR A 33 0.36 9.09 -5.80
CA THR A 33 -0.20 9.58 -4.54
C THR A 33 0.47 8.91 -3.35
N PRO A 34 0.72 9.70 -2.29
CA PRO A 34 1.35 9.21 -1.07
C PRO A 34 0.43 8.27 -0.28
N LYS A 35 0.92 7.06 -0.03
CA LYS A 35 0.15 6.06 0.71
C LYS A 35 -0.24 6.60 2.09
N PRO A 36 -1.49 6.33 2.51
CA PRO A 36 -2.00 6.77 3.80
C PRO A 36 -1.34 6.03 4.97
N GLY A 37 -1.15 4.73 4.80
CA GLY A 37 -0.52 3.93 5.85
C GLY A 37 -1.08 2.52 5.90
N THR A 38 -0.20 1.54 6.03
CA THR A 38 -0.61 0.14 6.09
C THR A 38 -1.88 -0.02 6.91
N CYS A 39 -1.87 0.53 8.13
CA CYS A 39 -3.02 0.44 9.02
C CYS A 39 -4.27 1.00 8.33
N VAL A 40 -5.40 0.91 9.03
CA VAL A 40 -6.66 1.41 8.50
C VAL A 40 -6.68 2.93 8.41
N LYS A 41 -7.33 3.45 7.38
CA LYS A 41 -7.42 4.90 7.19
C LYS A 41 -7.57 5.62 8.53
N ARG A 42 -8.63 5.29 9.26
CA ARG A 42 -8.90 5.89 10.55
C ARG A 42 -9.23 4.83 11.60
N ALA A 43 -9.30 5.25 12.86
CA ALA A 43 -9.61 4.33 13.95
C ALA A 43 -10.61 3.28 13.51
N LEU A 44 -11.83 3.70 13.21
CA LEU A 44 -12.88 2.80 12.78
C LEU A 44 -13.28 1.85 13.91
N THR A 45 -13.46 2.41 15.10
CA THR A 45 -13.85 1.61 16.26
C THR A 45 -15.33 1.79 16.59
N LEU A 46 -16.08 0.70 16.52
CA LEU A 46 -17.51 0.74 16.81
C LEU A 46 -17.84 -0.09 18.05
N THR A 47 -18.97 0.21 18.67
CA THR A 47 -19.40 -0.50 19.87
C THR A 47 -19.05 -1.98 19.77
ZN ZN B . -3.06 5.77 -7.48
#